data_7BV3
#
_entry.id   7BV3
#
_cell.length_a   197.520
_cell.length_b   63.710
_cell.length_c   93.800
_cell.angle_alpha   90.000
_cell.angle_beta   101.650
_cell.angle_gamma   90.000
#
_symmetry.space_group_name_H-M   'C 1 2 1'
#
loop_
_entity.id
_entity.type
_entity.pdbx_description
1 polymer Glycosyltransferase
2 non-polymer "URIDINE-5'-DIPHOSPHATE"
3 water water
#
_entity_poly.entity_id   1
_entity_poly.type   'polypeptide(L)'
_entity_poly.pdbx_seq_one_letter_code
;KVELVFVPGPGIGHLSTALQIADLLLRRDHRLSVTVLSIPLPWEAKTTTQPESLFPSSTTTTTSRIRFISLPQRPLPDDA
KGPFQFQAVFETQKQNVKEAVAKLSDSSILAGLVLDMFCVTMVDVAKQLGVPSYVFFTSSAGYLSFTSHLQDLSDRHGKE
TQQLMRSDVEIAVPGFTNPVPGKVIPGVYFNKNMAEWLHDCARRFRETNGILVNTFSELESQVMDSFSDATAASQFPAVY
AVGPILSLNKNTSAASSESQSGDEILKWLDQQPPSSVVFLCFGSKGSLNPDQAREIAHALERSGHRFVWSLRQPSPKGKF
EKPIEYDNIEDVLPEGFLDRTAEMGRVIGWAPQVEILGHPATGGFVSHCGWNSTLESLWYGVPIATWPMYAEQHFNAFEM
GVELGLAVGISSESSIEEGVIVSAEKIEEGIRKLMGGGGGGGGGEVRKLVKAKSEESRKSVMEGGSSFTSLNRFIDEVMK
SPF
;
_entity_poly.pdbx_strand_id   A,B
#
loop_
_chem_comp.id
_chem_comp.type
_chem_comp.name
_chem_comp.formula
UDP RNA linking URIDINE-5'-DIPHOSPHATE 'C9 H14 N2 O12 P2'
#
# COMPACT_ATOMS: atom_id res chain seq x y z
N LYS A 1 19.00 11.80 1.04
CA LYS A 1 17.74 12.47 0.64
C LYS A 1 17.39 12.07 -0.80
N VAL A 2 16.14 11.66 -1.03
CA VAL A 2 15.68 11.22 -2.34
C VAL A 2 14.47 12.06 -2.73
N GLU A 3 14.57 12.75 -3.87
CA GLU A 3 13.63 13.79 -4.24
C GLU A 3 12.95 13.44 -5.56
N LEU A 4 11.65 13.65 -5.63
CA LEU A 4 10.88 13.75 -6.87
C LEU A 4 10.51 15.21 -7.06
N VAL A 5 10.79 15.76 -8.24
CA VAL A 5 10.43 17.15 -8.54
C VAL A 5 9.17 17.16 -9.40
N PHE A 6 8.14 17.87 -8.95
CA PHE A 6 6.89 18.00 -9.69
C PHE A 6 6.87 19.36 -10.39
N VAL A 7 6.40 19.37 -11.63
CA VAL A 7 6.07 20.62 -12.31
C VAL A 7 4.61 20.54 -12.73
N PRO A 8 3.70 21.11 -11.93
CA PRO A 8 2.28 20.99 -12.25
C PRO A 8 1.91 21.79 -13.48
N GLY A 9 0.75 21.45 -14.04
CA GLY A 9 0.21 22.18 -15.17
C GLY A 9 -0.52 23.43 -14.73
N PRO A 10 -0.95 24.22 -15.71
CA PRO A 10 -1.56 25.51 -15.41
C PRO A 10 -2.91 25.36 -14.74
N GLY A 11 -3.15 26.20 -13.75
CA GLY A 11 -4.45 26.23 -13.11
C GLY A 11 -4.42 25.61 -11.73
N ILE A 12 -5.35 26.07 -10.89
CA ILE A 12 -5.45 25.52 -9.54
C ILE A 12 -6.01 24.10 -9.59
N GLY A 13 -6.81 23.78 -10.62
CA GLY A 13 -7.27 22.41 -10.79
C GLY A 13 -6.12 21.43 -10.95
N HIS A 14 -5.20 21.75 -11.86
CA HIS A 14 -4.05 20.89 -12.09
C HIS A 14 -3.07 20.93 -10.93
N LEU A 15 -2.90 22.09 -10.31
CA LEU A 15 -2.09 22.14 -9.10
C LEU A 15 -2.67 21.22 -8.03
N SER A 16 -3.99 21.29 -7.83
CA SER A 16 -4.62 20.51 -6.77
C SER A 16 -4.49 19.01 -7.04
N THR A 17 -4.75 18.58 -8.27
CA THR A 17 -4.61 17.16 -8.60
C THR A 17 -3.17 16.70 -8.36
N ALA A 18 -2.20 17.50 -8.80
CA ALA A 18 -0.79 17.15 -8.58
C ALA A 18 -0.46 17.08 -7.09
N LEU A 19 -0.97 18.01 -6.29
CA LEU A 19 -0.65 17.98 -4.87
C LEU A 19 -1.32 16.81 -4.15
N GLN A 20 -2.51 16.40 -4.63
CA GLN A 20 -3.13 15.19 -4.08
C GLN A 20 -2.23 13.98 -4.29
N ILE A 21 -1.66 13.83 -5.49
CA ILE A 21 -0.82 12.65 -5.71
C ILE A 21 0.54 12.81 -5.02
N ALA A 22 1.02 14.06 -4.87
CA ALA A 22 2.24 14.27 -4.10
C ALA A 22 2.06 13.82 -2.65
N ASP A 23 0.93 14.16 -2.04
CA ASP A 23 0.68 13.73 -0.67
C ASP A 23 0.58 12.22 -0.58
N LEU A 24 -0.12 11.60 -1.55
CA LEU A 24 -0.26 10.14 -1.58
C LEU A 24 1.10 9.46 -1.62
N LEU A 25 1.97 9.91 -2.52
CA LEU A 25 3.30 9.31 -2.64
C LEU A 25 4.06 9.44 -1.34
N LEU A 26 4.01 10.62 -0.71
CA LEU A 26 4.77 10.82 0.52
C LEU A 26 4.26 9.95 1.66
N ARG A 27 2.94 9.75 1.74
CA ARG A 27 2.41 8.87 2.77
C ARG A 27 2.75 7.40 2.51
N ARG A 28 2.89 7.01 1.24
CA ARG A 28 3.14 5.62 0.90
C ARG A 28 4.60 5.21 0.99
N ASP A 29 5.53 6.15 1.05
CA ASP A 29 6.92 5.78 1.23
C ASP A 29 7.60 6.88 2.02
N HIS A 30 7.91 6.60 3.28
CA HIS A 30 8.54 7.63 4.11
C HIS A 30 9.94 8.02 3.64
N ARG A 31 10.56 7.25 2.76
CA ARG A 31 11.88 7.61 2.27
C ARG A 31 11.84 8.75 1.25
N LEU A 32 10.66 9.08 0.76
CA LEU A 32 10.52 10.02 -0.36
C LEU A 32 10.36 11.47 0.11
N SER A 33 10.96 12.41 -0.64
CA SER A 33 10.66 13.83 -0.50
C SER A 33 10.24 14.38 -1.86
N VAL A 34 9.50 15.49 -1.85
CA VAL A 34 8.96 16.11 -3.05
C VAL A 34 9.30 17.59 -3.07
N THR A 35 9.69 18.10 -4.23
CA THR A 35 9.83 19.54 -4.44
C THR A 35 8.92 19.92 -5.60
N VAL A 36 8.09 20.95 -5.38
CA VAL A 36 7.13 21.39 -6.37
C VAL A 36 7.64 22.69 -6.97
N LEU A 37 7.79 22.72 -8.29
CA LEU A 37 8.24 23.90 -9.02
C LEU A 37 7.02 24.52 -9.67
N SER A 38 6.66 25.72 -9.25
CA SER A 38 5.50 26.40 -9.81
C SER A 38 5.94 27.48 -10.79
N ILE A 39 5.18 27.62 -11.86
CA ILE A 39 5.56 28.51 -12.95
C ILE A 39 4.60 29.70 -12.94
N PRO A 40 5.11 30.93 -12.83
CA PRO A 40 4.23 32.10 -12.76
C PRO A 40 3.60 32.39 -14.11
N LEU A 41 2.35 32.82 -14.07
CA LEU A 41 1.67 33.33 -15.24
C LEU A 41 1.58 34.84 -15.12
N PRO A 42 2.20 35.61 -16.02
CA PRO A 42 2.25 37.08 -15.84
C PRO A 42 0.89 37.77 -15.97
N TRP A 43 -0.16 37.19 -15.39
CA TRP A 43 -1.47 37.82 -15.38
C TRP A 43 -2.35 37.24 -14.29
N GLN A 50 -1.85 30.73 -3.41
CA GLN A 50 -0.51 30.24 -3.15
C GLN A 50 -0.47 28.71 -3.05
N PRO A 51 0.56 28.10 -3.67
CA PRO A 51 0.56 26.63 -3.80
C PRO A 51 0.49 25.88 -2.49
N GLU A 52 1.23 26.33 -1.47
CA GLU A 52 1.27 25.62 -0.19
C GLU A 52 -0.11 25.46 0.44
N SER A 53 -1.10 26.22 -0.03
CA SER A 53 -2.42 26.20 0.60
C SER A 53 -3.21 24.95 0.22
N LEU A 54 -2.96 24.39 -0.96
CA LEU A 54 -3.77 23.30 -1.49
C LEU A 54 -3.22 21.92 -1.13
N PHE A 55 -2.26 21.84 -0.22
CA PHE A 55 -1.62 20.55 0.06
C PHE A 55 -2.29 19.90 1.27
N PRO A 56 -2.97 18.77 1.11
CA PRO A 56 -3.71 18.19 2.24
C PRO A 56 -2.83 17.35 3.15
N SER A 57 -2.42 17.87 4.30
CA SER A 57 -1.66 17.01 5.19
C SER A 57 -1.82 17.37 6.66
N SER A 58 -1.40 18.58 7.05
CA SER A 58 -1.46 19.09 8.42
C SER A 58 -0.59 18.31 9.40
N THR A 59 0.26 17.42 8.89
CA THR A 59 1.11 16.57 9.73
C THR A 59 2.58 16.78 9.36
N THR A 60 3.43 16.89 10.38
CA THR A 60 4.84 17.19 10.11
C THR A 60 5.63 15.98 9.63
N THR A 61 5.10 14.77 9.78
CA THR A 61 5.78 13.62 9.16
C THR A 61 5.77 13.74 7.65
N THR A 62 4.79 14.46 7.09
CA THR A 62 4.66 14.66 5.65
C THR A 62 5.18 16.02 5.20
N THR A 63 4.75 17.11 5.83
CA THR A 63 5.15 18.44 5.38
C THR A 63 6.65 18.67 5.50
N SER A 64 7.32 17.99 6.43
CA SER A 64 8.77 18.10 6.51
C SER A 64 9.47 17.61 5.25
N ARG A 65 8.76 16.87 4.37
CA ARG A 65 9.35 16.24 3.21
C ARG A 65 8.87 16.85 1.89
N ILE A 66 8.13 17.95 1.93
CA ILE A 66 7.71 18.63 0.70
C ILE A 66 8.20 20.07 0.77
N ARG A 67 8.64 20.59 -0.37
CA ARG A 67 9.08 21.98 -0.51
C ARG A 67 8.40 22.56 -1.73
N PHE A 68 8.07 23.85 -1.68
CA PHE A 68 7.45 24.54 -2.79
C PHE A 68 8.34 25.68 -3.22
N ILE A 69 8.63 25.75 -4.52
CA ILE A 69 9.47 26.78 -5.10
C ILE A 69 8.69 27.41 -6.24
N SER A 70 8.58 28.74 -6.23
CA SER A 70 8.04 29.46 -7.37
C SER A 70 9.19 29.90 -8.26
N LEU A 71 9.08 29.58 -9.53
CA LEU A 71 10.21 29.88 -10.40
C LEU A 71 10.26 31.38 -10.68
N PRO A 72 11.45 31.93 -10.92
CA PRO A 72 11.56 33.36 -11.27
C PRO A 72 10.73 33.69 -12.49
N GLN A 73 9.97 34.77 -12.40
CA GLN A 73 9.11 35.16 -13.52
C GLN A 73 9.96 35.65 -14.70
N ARG A 74 9.42 35.45 -15.89
CA ARG A 74 10.18 35.57 -17.13
C ARG A 74 9.42 36.43 -18.13
N PRO A 75 10.13 37.15 -19.00
CA PRO A 75 9.48 37.95 -20.03
C PRO A 75 9.37 37.22 -21.36
N LEU A 76 8.32 37.59 -22.15
CA LEU A 76 8.24 37.37 -23.61
C LEU A 76 6.90 37.80 -24.19
N PRO A 77 6.87 38.44 -25.40
CA PRO A 77 5.67 38.86 -26.13
C PRO A 77 4.62 37.79 -26.37
N GLY A 82 -3.32 34.45 -27.13
CA GLY A 82 -3.23 33.57 -28.27
C GLY A 82 -3.44 32.12 -27.90
N PRO A 83 -3.54 31.25 -28.90
CA PRO A 83 -3.75 29.82 -28.61
C PRO A 83 -2.57 29.16 -27.92
N PHE A 84 -1.36 29.70 -28.12
CA PHE A 84 -0.14 29.14 -27.55
C PHE A 84 0.39 29.97 -26.39
N GLN A 85 -0.51 30.63 -25.66
CA GLN A 85 -0.07 31.56 -24.61
C GLN A 85 0.58 30.82 -23.46
N PHE A 86 -0.13 29.86 -22.87
CA PHE A 86 0.43 29.08 -21.77
C PHE A 86 1.67 28.31 -22.23
N GLN A 87 1.61 27.71 -23.42
CA GLN A 87 2.76 26.99 -23.97
C GLN A 87 4.00 27.86 -24.03
N ALA A 88 3.85 29.13 -24.42
CA ALA A 88 5.00 30.00 -24.53
C ALA A 88 5.61 30.30 -23.16
N VAL A 89 4.77 30.51 -22.14
CA VAL A 89 5.29 30.81 -20.82
C VAL A 89 6.12 29.64 -20.31
N PHE A 90 5.64 28.41 -20.51
CA PHE A 90 6.40 27.26 -20.04
C PHE A 90 7.69 27.07 -20.83
N GLU A 91 7.69 27.42 -22.11
CA GLU A 91 8.93 27.35 -22.88
C GLU A 91 9.96 28.34 -22.36
N THR A 92 9.52 29.51 -21.90
CA THR A 92 10.50 30.46 -21.37
C THR A 92 11.06 30.00 -20.03
N GLN A 93 10.42 29.03 -19.38
CA GLN A 93 10.82 28.58 -18.04
C GLN A 93 11.70 27.33 -18.07
N LYS A 94 12.03 26.79 -19.25
CA LYS A 94 12.82 25.55 -19.28
C LYS A 94 14.18 25.72 -18.63
N GLN A 95 14.86 26.84 -18.90
CA GLN A 95 16.18 27.01 -18.31
C GLN A 95 16.09 27.15 -16.79
N ASN A 96 15.05 27.83 -16.29
CA ASN A 96 14.86 27.92 -14.85
C ASN A 96 14.62 26.56 -14.23
N VAL A 97 13.78 25.73 -14.88
CA VAL A 97 13.56 24.38 -14.38
C VAL A 97 14.88 23.61 -14.34
N LYS A 98 15.62 23.66 -15.45
CA LYS A 98 16.90 22.96 -15.53
C LYS A 98 17.82 23.36 -14.38
N GLU A 99 17.92 24.66 -14.12
CA GLU A 99 18.81 25.13 -13.05
C GLU A 99 18.30 24.72 -11.67
N ALA A 100 17.00 24.85 -11.43
CA ALA A 100 16.43 24.44 -10.15
C ALA A 100 16.69 22.96 -9.89
N VAL A 101 16.44 22.13 -10.90
CA VAL A 101 16.63 20.69 -10.78
C VAL A 101 18.11 20.36 -10.59
N ALA A 102 18.98 21.00 -11.36
CA ALA A 102 20.42 20.78 -11.18
C ALA A 102 20.87 21.15 -9.78
N LYS A 103 20.37 22.26 -9.26
CA LYS A 103 20.73 22.70 -7.92
C LYS A 103 20.27 21.71 -6.86
N LEU A 104 19.03 21.23 -7.00
CA LEU A 104 18.51 20.29 -6.02
C LEU A 104 19.32 19.00 -6.00
N SER A 105 19.78 18.54 -7.17
CA SER A 105 20.56 17.31 -7.25
C SER A 105 21.94 17.43 -6.59
N ASP A 106 22.36 18.64 -6.20
CA ASP A 106 23.57 18.75 -5.39
C ASP A 106 23.32 18.24 -3.99
N SER A 107 22.09 18.39 -3.50
CA SER A 107 21.73 18.12 -2.12
C SER A 107 20.96 16.81 -1.96
N SER A 108 20.63 16.12 -3.05
CA SER A 108 19.72 14.99 -2.96
C SER A 108 19.98 14.03 -4.11
N ILE A 109 19.50 12.80 -3.94
CA ILE A 109 19.35 11.88 -5.06
C ILE A 109 18.10 12.29 -5.80
N LEU A 110 18.26 12.63 -7.07
CA LEU A 110 17.14 13.10 -7.85
C LEU A 110 16.49 11.89 -8.50
N ALA A 111 15.41 11.40 -7.90
CA ALA A 111 14.77 10.20 -8.41
C ALA A 111 13.95 10.46 -9.67
N GLY A 112 13.56 11.71 -9.92
CA GLY A 112 12.82 11.96 -11.14
C GLY A 112 12.19 13.32 -11.22
N LEU A 113 11.85 13.70 -12.45
CA LEU A 113 11.06 14.89 -12.74
C LEU A 113 9.68 14.38 -13.14
N VAL A 114 8.65 14.78 -12.40
CA VAL A 114 7.28 14.41 -12.70
C VAL A 114 6.58 15.60 -13.35
N LEU A 115 6.15 15.44 -14.59
CA LEU A 115 5.63 16.54 -15.39
C LEU A 115 4.15 16.34 -15.69
N ASP A 116 3.35 17.38 -15.46
CA ASP A 116 2.01 17.41 -16.00
C ASP A 116 2.05 17.27 -17.51
N MET A 117 1.01 16.65 -18.09
CA MET A 117 1.04 16.33 -19.51
C MET A 117 1.22 17.56 -20.37
N PHE A 118 0.77 18.71 -19.87
CA PHE A 118 0.94 19.97 -20.59
C PHE A 118 2.40 20.42 -20.61
N CYS A 119 3.18 19.99 -19.61
CA CYS A 119 4.53 20.47 -19.35
C CYS A 119 5.61 19.57 -19.94
N VAL A 120 5.27 18.64 -20.82
CA VAL A 120 6.26 17.64 -21.21
C VAL A 120 7.37 18.20 -22.08
N THR A 121 7.29 19.48 -22.47
CA THR A 121 8.49 20.11 -23.04
C THR A 121 9.67 19.99 -22.08
N MET A 122 9.39 19.92 -20.77
CA MET A 122 10.44 19.76 -19.77
C MET A 122 11.07 18.37 -19.77
N VAL A 123 10.52 17.42 -20.54
CA VAL A 123 11.22 16.13 -20.62
C VAL A 123 12.62 16.36 -21.14
N ASP A 124 12.81 17.35 -22.03
CA ASP A 124 14.16 17.64 -22.54
C ASP A 124 15.12 17.95 -21.40
N VAL A 125 14.65 18.64 -20.36
CA VAL A 125 15.50 19.02 -19.25
C VAL A 125 15.97 17.79 -18.49
N ALA A 126 15.05 16.87 -18.21
CA ALA A 126 15.44 15.62 -17.56
C ALA A 126 16.45 14.85 -18.40
N LYS A 127 16.23 14.76 -19.73
CA LYS A 127 17.19 14.06 -20.58
C LYS A 127 18.58 14.68 -20.49
N GLN A 128 18.63 16.01 -20.54
CA GLN A 128 19.91 16.71 -20.52
C GLN A 128 20.64 16.54 -19.20
N LEU A 129 19.90 16.43 -18.09
CA LEU A 129 20.53 16.21 -16.80
C LEU A 129 20.74 14.74 -16.48
N GLY A 130 20.21 13.84 -17.31
CA GLY A 130 20.32 12.42 -16.98
C GLY A 130 19.44 11.98 -15.83
N VAL A 131 18.28 12.60 -15.69
CA VAL A 131 17.35 12.33 -14.59
C VAL A 131 16.13 11.62 -15.15
N PRO A 132 15.55 10.63 -14.46
CA PRO A 132 14.31 10.00 -14.96
C PRO A 132 13.18 11.00 -15.10
N SER A 133 12.32 10.76 -16.08
CA SER A 133 11.14 11.59 -16.28
C SER A 133 9.87 10.75 -16.20
N TYR A 134 8.82 11.38 -15.71
CA TYR A 134 7.52 10.75 -15.57
C TYR A 134 6.48 11.77 -15.95
N VAL A 135 5.36 11.31 -16.51
CA VAL A 135 4.26 12.20 -16.88
C VAL A 135 3.09 11.93 -15.95
N PHE A 136 2.47 13.00 -15.46
CA PHE A 136 1.19 12.85 -14.78
C PHE A 136 0.13 13.22 -15.80
N PHE A 137 -0.53 12.20 -16.35
CA PHE A 137 -1.52 12.36 -17.39
C PHE A 137 -2.90 12.49 -16.76
N THR A 138 -3.49 13.67 -16.86
CA THR A 138 -4.69 14.05 -16.12
C THR A 138 -5.99 13.75 -16.87
N SER A 139 -5.92 13.31 -18.12
CA SER A 139 -7.09 12.82 -18.85
C SER A 139 -7.13 11.30 -18.79
N SER A 140 -8.07 10.70 -19.53
CA SER A 140 -8.30 9.27 -19.44
C SER A 140 -7.18 8.45 -20.10
N ALA A 141 -7.10 7.18 -19.69
CA ALA A 141 -6.19 6.26 -20.38
C ALA A 141 -6.59 6.11 -21.85
N GLY A 142 -7.90 6.06 -22.13
CA GLY A 142 -8.34 5.97 -23.51
C GLY A 142 -7.86 7.16 -24.34
N TYR A 143 -7.85 8.35 -23.74
CA TYR A 143 -7.37 9.52 -24.47
C TYR A 143 -5.86 9.47 -24.66
N LEU A 144 -5.12 8.93 -23.68
CA LEU A 144 -3.70 8.70 -23.90
C LEU A 144 -3.47 7.79 -25.10
N SER A 145 -4.26 6.71 -25.21
CA SER A 145 -4.13 5.84 -26.36
C SER A 145 -4.48 6.55 -27.67
N PHE A 146 -5.57 7.33 -27.64
CA PHE A 146 -6.05 7.99 -28.84
C PHE A 146 -5.03 9.00 -29.34
N THR A 147 -4.59 9.89 -28.44
CA THR A 147 -3.66 10.95 -28.85
C THR A 147 -2.30 10.39 -29.28
N SER A 148 -1.84 9.30 -28.65
CA SER A 148 -0.62 8.63 -29.10
C SER A 148 -0.81 8.00 -30.48
N HIS A 149 -1.99 7.40 -30.71
CA HIS A 149 -2.24 6.74 -31.99
C HIS A 149 -2.35 7.76 -33.13
N LEU A 150 -2.94 8.93 -32.86
CA LEU A 150 -2.99 9.99 -33.87
C LEU A 150 -1.59 10.44 -34.25
N GLN A 151 -0.71 10.62 -33.27
CA GLN A 151 0.66 11.02 -33.57
C GLN A 151 1.38 9.92 -34.34
N ASP A 152 1.13 8.66 -33.97
CA ASP A 152 1.78 7.54 -34.63
C ASP A 152 1.32 7.43 -36.09
N LEU A 153 0.02 7.57 -36.34
CA LEU A 153 -0.47 7.57 -37.72
C LEU A 153 0.17 8.67 -38.53
N SER A 154 0.34 9.84 -37.93
CA SER A 154 0.90 10.97 -38.66
C SER A 154 2.38 10.77 -38.94
N ASP A 155 3.14 10.24 -37.97
CA ASP A 155 4.59 10.11 -38.18
C ASP A 155 4.96 8.87 -38.99
N ARG A 156 4.28 7.75 -38.76
CA ARG A 156 4.68 6.47 -39.36
C ARG A 156 3.91 6.13 -40.63
N HIS A 157 2.73 6.71 -40.83
CA HIS A 157 1.87 6.34 -41.94
C HIS A 157 1.46 7.55 -42.76
N GLY A 158 1.99 8.73 -42.44
CA GLY A 158 1.69 9.94 -43.18
C GLY A 158 0.23 10.36 -43.19
N LYS A 159 -0.55 9.96 -42.19
CA LYS A 159 -1.94 10.39 -42.13
C LYS A 159 -2.01 11.68 -41.32
N GLU A 160 -2.06 12.82 -42.01
CA GLU A 160 -2.20 14.10 -41.33
C GLU A 160 -3.57 14.14 -40.65
N THR A 161 -3.60 14.60 -39.39
CA THR A 161 -4.81 14.41 -38.59
C THR A 161 -6.02 15.14 -39.18
N GLN A 162 -5.79 16.34 -39.75
CA GLN A 162 -6.87 17.10 -40.38
C GLN A 162 -7.64 16.24 -41.39
N GLN A 163 -6.94 15.37 -42.11
CA GLN A 163 -7.55 14.52 -43.13
C GLN A 163 -8.47 13.45 -42.53
N LEU A 164 -8.28 13.08 -41.26
CA LEU A 164 -9.15 12.11 -40.60
C LEU A 164 -10.39 12.73 -39.99
N MET A 165 -10.46 14.05 -39.92
CA MET A 165 -11.51 14.73 -39.19
C MET A 165 -12.77 14.86 -40.05
N ARG A 166 -13.34 13.71 -40.39
CA ARG A 166 -14.42 13.63 -41.35
C ARG A 166 -15.48 12.64 -40.85
N SER A 167 -16.73 12.90 -41.26
CA SER A 167 -17.84 12.04 -40.85
C SER A 167 -17.75 10.64 -41.43
N ASP A 168 -17.01 10.44 -42.51
CA ASP A 168 -16.89 9.12 -43.12
C ASP A 168 -15.64 8.37 -42.69
N VAL A 169 -14.96 8.82 -41.64
CA VAL A 169 -13.70 8.23 -41.19
C VAL A 169 -13.91 7.59 -39.82
N GLU A 170 -13.38 6.36 -39.67
CA GLU A 170 -13.31 5.64 -38.41
C GLU A 170 -11.86 5.26 -38.13
N ILE A 171 -11.45 5.29 -36.87
CA ILE A 171 -10.06 5.09 -36.48
C ILE A 171 -10.00 3.90 -35.52
N ALA A 172 -9.12 2.95 -35.79
CA ALA A 172 -8.89 1.83 -34.87
C ALA A 172 -7.89 2.26 -33.81
N VAL A 173 -8.38 2.52 -32.60
CA VAL A 173 -7.56 3.00 -31.50
C VAL A 173 -7.20 1.81 -30.61
N PRO A 174 -5.94 1.64 -30.24
CA PRO A 174 -5.57 0.48 -29.41
C PRO A 174 -6.34 0.51 -28.10
N GLY A 175 -6.92 -0.64 -27.75
CA GLY A 175 -7.72 -0.76 -26.55
C GLY A 175 -9.20 -0.53 -26.71
N PHE A 176 -9.67 -0.13 -27.90
CA PHE A 176 -11.08 0.13 -28.12
C PHE A 176 -11.72 -0.94 -28.98
N THR A 177 -12.86 -1.45 -28.50
CA THR A 177 -13.68 -2.37 -29.29
C THR A 177 -14.35 -1.64 -30.45
N ASN A 178 -14.94 -0.48 -30.16
CA ASN A 178 -15.66 0.29 -31.16
C ASN A 178 -14.68 1.13 -31.99
N PRO A 179 -14.88 1.24 -33.29
CA PRO A 179 -14.13 2.25 -34.05
C PRO A 179 -14.41 3.62 -33.49
N VAL A 180 -13.36 4.44 -33.46
CA VAL A 180 -13.44 5.80 -32.93
C VAL A 180 -13.71 6.74 -34.10
N PRO A 181 -14.81 7.48 -34.10
CA PRO A 181 -15.13 8.33 -35.26
C PRO A 181 -14.15 9.49 -35.40
N GLY A 182 -13.77 9.78 -36.65
CA GLY A 182 -12.94 10.96 -36.88
C GLY A 182 -13.59 12.23 -36.37
N LYS A 183 -14.91 12.19 -36.20
CA LYS A 183 -15.69 13.35 -35.71
C LYS A 183 -15.40 13.63 -34.22
N VAL A 184 -14.82 12.68 -33.49
CA VAL A 184 -14.46 12.97 -32.11
C VAL A 184 -12.98 13.27 -31.94
N ILE A 185 -12.22 13.39 -33.03
CA ILE A 185 -10.89 14.00 -32.85
C ILE A 185 -11.07 15.41 -32.30
N PRO A 186 -10.36 15.79 -31.24
CA PRO A 186 -10.47 17.16 -30.71
C PRO A 186 -10.36 18.20 -31.83
N GLY A 187 -11.27 19.17 -31.81
CA GLY A 187 -11.35 20.13 -32.90
C GLY A 187 -10.08 20.94 -33.12
N VAL A 188 -9.23 21.07 -32.09
CA VAL A 188 -8.01 21.85 -32.26
C VAL A 188 -7.01 21.21 -33.20
N TYR A 189 -7.17 19.92 -33.54
CA TYR A 189 -6.26 19.28 -34.48
C TYR A 189 -6.44 19.79 -35.91
N PHE A 190 -7.52 20.51 -36.19
CA PHE A 190 -7.69 21.08 -37.52
C PHE A 190 -6.66 22.17 -37.81
N ASN A 191 -6.16 22.82 -36.76
CA ASN A 191 -5.13 23.84 -36.86
C ASN A 191 -3.78 23.14 -36.90
N LYS A 192 -3.02 23.38 -37.97
CA LYS A 192 -1.81 22.60 -38.20
C LYS A 192 -0.73 22.89 -37.17
N ASN A 193 -0.61 24.16 -36.72
CA ASN A 193 0.33 24.46 -35.66
C ASN A 193 -0.01 23.70 -34.38
N MET A 194 -1.29 23.68 -34.01
CA MET A 194 -1.66 23.00 -32.77
C MET A 194 -1.63 21.49 -32.92
N ALA A 195 -1.98 20.97 -34.10
CA ALA A 195 -1.84 19.53 -34.32
C ALA A 195 -0.40 19.09 -34.09
N GLU A 196 0.57 19.87 -34.59
CA GLU A 196 1.97 19.49 -34.41
C GLU A 196 2.40 19.61 -32.95
N TRP A 197 1.89 20.61 -32.23
CA TRP A 197 2.22 20.71 -30.80
C TRP A 197 1.70 19.50 -30.02
N LEU A 198 0.46 19.10 -30.27
CA LEU A 198 -0.10 17.93 -29.59
C LEU A 198 0.62 16.65 -29.98
N HIS A 199 0.91 16.46 -31.27
CA HIS A 199 1.73 15.32 -31.67
C HIS A 199 3.08 15.33 -30.97
N ASP A 200 3.67 16.52 -30.81
CA ASP A 200 4.99 16.55 -30.20
C ASP A 200 4.89 16.21 -28.72
N CYS A 201 3.79 16.59 -28.05
CA CYS A 201 3.56 16.12 -26.68
C CYS A 201 3.55 14.60 -26.64
N ALA A 202 2.80 13.98 -27.57
CA ALA A 202 2.74 12.52 -27.60
C ALA A 202 4.11 11.91 -27.87
N ARG A 203 4.91 12.54 -28.76
CA ARG A 203 6.27 12.03 -28.93
C ARG A 203 7.06 12.10 -27.62
N ARG A 204 6.86 13.16 -26.85
CA ARG A 204 7.63 13.29 -25.62
C ARG A 204 7.17 12.29 -24.58
N PHE A 205 5.85 11.99 -24.52
CA PHE A 205 5.39 10.95 -23.60
C PHE A 205 6.19 9.67 -23.76
N ARG A 206 6.47 9.32 -25.01
CA ARG A 206 7.15 8.06 -25.32
C ARG A 206 8.59 8.05 -24.85
N GLU A 207 9.18 9.21 -24.58
CA GLU A 207 10.56 9.27 -24.12
C GLU A 207 10.69 9.03 -22.63
N THR A 208 9.60 9.06 -21.88
CA THR A 208 9.69 9.09 -20.43
C THR A 208 9.82 7.68 -19.85
N ASN A 209 10.05 7.63 -18.54
CA ASN A 209 10.24 6.36 -17.85
C ASN A 209 8.93 5.79 -17.31
N GLY A 210 7.84 6.54 -17.43
CA GLY A 210 6.57 6.05 -16.92
C GLY A 210 5.51 7.13 -16.93
N ILE A 211 4.25 6.72 -17.05
CA ILE A 211 3.13 7.64 -17.18
C ILE A 211 2.11 7.27 -16.13
N LEU A 212 1.86 8.18 -15.20
CA LEU A 212 0.76 8.05 -14.24
C LEU A 212 -0.50 8.59 -14.89
N VAL A 213 -1.59 7.82 -14.84
CA VAL A 213 -2.85 8.24 -15.43
C VAL A 213 -3.91 8.32 -14.34
N ASN A 214 -4.66 9.43 -14.35
CA ASN A 214 -5.76 9.61 -13.41
C ASN A 214 -6.99 8.83 -13.88
N THR A 215 -6.94 7.52 -13.68
CA THR A 215 -8.07 6.63 -13.95
C THR A 215 -7.86 5.38 -13.12
N PHE A 216 -8.83 4.48 -13.15
CA PHE A 216 -8.63 3.18 -12.51
C PHE A 216 -8.87 2.10 -13.55
N SER A 217 -8.08 1.02 -13.45
CA SER A 217 -8.03 0.06 -14.54
C SER A 217 -9.37 -0.61 -14.77
N GLU A 218 -10.19 -0.78 -13.73
CA GLU A 218 -11.51 -1.39 -13.95
C GLU A 218 -12.42 -0.50 -14.78
N LEU A 219 -12.19 0.81 -14.80
CA LEU A 219 -12.97 1.68 -15.69
C LEU A 219 -12.55 1.49 -17.15
N GLU A 220 -11.25 1.30 -17.39
CA GLU A 220 -10.70 1.29 -18.74
C GLU A 220 -9.84 0.04 -18.95
N SER A 221 -10.40 -1.14 -18.69
CA SER A 221 -9.56 -2.34 -18.56
C SER A 221 -8.96 -2.76 -19.88
N GLN A 222 -9.71 -2.63 -20.97
CA GLN A 222 -9.19 -3.04 -22.28
C GLN A 222 -8.06 -2.11 -22.73
N VAL A 223 -8.19 -0.82 -22.45
CA VAL A 223 -7.09 0.11 -22.74
C VAL A 223 -5.88 -0.19 -21.86
N MET A 224 -6.10 -0.43 -20.57
CA MET A 224 -4.95 -0.70 -19.71
C MET A 224 -4.25 -2.00 -20.11
N ASP A 225 -5.02 -3.02 -20.52
CA ASP A 225 -4.40 -4.24 -21.05
C ASP A 225 -3.58 -3.95 -22.30
N SER A 226 -4.08 -3.07 -23.19
CA SER A 226 -3.34 -2.77 -24.40
C SER A 226 -2.01 -2.10 -24.07
N PHE A 227 -2.00 -1.20 -23.07
CA PHE A 227 -0.73 -0.60 -22.64
C PHE A 227 0.18 -1.63 -21.99
N SER A 228 -0.36 -2.50 -21.13
CA SER A 228 0.48 -3.52 -20.52
C SER A 228 1.20 -4.34 -21.57
N ASP A 229 0.49 -4.71 -22.64
CA ASP A 229 1.10 -5.48 -23.74
C ASP A 229 2.17 -4.65 -24.44
N ALA A 230 1.88 -3.39 -24.75
CA ALA A 230 2.86 -2.56 -25.44
C ALA A 230 4.11 -2.38 -24.60
N THR A 231 3.96 -2.11 -23.31
CA THR A 231 5.11 -1.96 -22.43
C THR A 231 5.95 -3.22 -22.39
N ALA A 232 5.29 -4.38 -22.32
CA ALA A 232 6.05 -5.64 -22.28
C ALA A 232 6.82 -5.86 -23.56
N ALA A 233 6.36 -5.30 -24.68
CA ALA A 233 7.06 -5.40 -25.95
C ALA A 233 8.04 -4.24 -26.17
N SER A 234 8.31 -3.45 -25.12
CA SER A 234 9.19 -2.28 -25.21
C SER A 234 8.70 -1.26 -26.24
N GLN A 235 7.39 -1.13 -26.40
CA GLN A 235 6.78 -0.26 -27.40
C GLN A 235 6.22 1.02 -26.80
N PHE A 236 6.21 1.15 -25.48
CA PHE A 236 5.59 2.26 -24.80
C PHE A 236 6.07 2.25 -23.36
N PRO A 237 6.19 3.40 -22.71
CA PRO A 237 6.55 3.40 -21.29
C PRO A 237 5.52 2.64 -20.45
N ALA A 238 5.93 2.27 -19.25
CA ALA A 238 4.96 1.71 -18.31
C ALA A 238 3.90 2.75 -17.99
N VAL A 239 2.65 2.31 -17.94
CA VAL A 239 1.51 3.17 -17.63
C VAL A 239 0.91 2.70 -16.31
N TYR A 240 0.67 3.64 -15.39
CA TYR A 240 0.16 3.32 -14.05
C TYR A 240 -1.18 4.01 -13.86
N ALA A 241 -2.24 3.23 -13.77
CA ALA A 241 -3.55 3.79 -13.45
C ALA A 241 -3.62 3.92 -11.93
N VAL A 242 -3.64 5.16 -11.43
CA VAL A 242 -3.49 5.39 -10.01
C VAL A 242 -4.64 6.21 -9.42
N GLY A 243 -5.67 6.50 -10.22
CA GLY A 243 -6.78 7.29 -9.76
C GLY A 243 -7.97 6.44 -9.34
N PRO A 244 -9.13 7.08 -9.06
CA PRO A 244 -9.37 8.53 -9.18
C PRO A 244 -8.62 9.36 -8.17
N ILE A 245 -7.93 10.38 -8.66
CA ILE A 245 -7.32 11.39 -7.81
C ILE A 245 -8.26 12.57 -7.86
N LEU A 246 -8.91 12.89 -6.75
CA LEU A 246 -9.97 13.88 -6.75
C LEU A 246 -9.73 14.91 -5.66
N SER A 247 -10.21 16.12 -5.92
CA SER A 247 -10.14 17.22 -4.96
C SER A 247 -11.52 17.34 -4.31
N LEU A 248 -11.72 16.59 -3.22
CA LEU A 248 -13.04 16.50 -2.63
C LEU A 248 -13.22 17.37 -1.37
N ASN A 249 -12.15 17.98 -0.87
CA ASN A 249 -12.24 18.86 0.29
C ASN A 249 -11.89 20.30 -0.08
N ALA A 255 -16.24 32.59 2.87
CA ALA A 255 -15.40 33.76 2.70
C ALA A 255 -15.91 34.62 1.55
N SER A 256 -15.90 34.05 0.35
CA SER A 256 -16.36 34.70 -0.85
C SER A 256 -17.88 34.79 -0.83
N SER A 257 -18.46 35.37 -1.89
CA SER A 257 -19.90 35.24 -2.02
C SER A 257 -20.27 34.11 -2.97
N GLU A 258 -19.38 33.73 -3.88
CA GLU A 258 -19.60 32.50 -4.63
C GLU A 258 -19.57 31.28 -3.72
N SER A 259 -18.75 31.29 -2.66
CA SER A 259 -18.83 30.21 -1.68
C SER A 259 -20.08 30.34 -0.80
N GLN A 260 -20.66 31.54 -0.69
CA GLN A 260 -21.88 31.69 0.10
C GLN A 260 -23.11 31.30 -0.71
N SER A 261 -23.13 31.63 -1.99
CA SER A 261 -24.17 31.09 -2.87
C SER A 261 -24.10 29.57 -2.93
N GLY A 262 -22.91 29.01 -2.79
CA GLY A 262 -22.77 27.56 -2.73
C GLY A 262 -23.45 26.94 -1.51
N ASP A 263 -23.32 27.57 -0.34
CA ASP A 263 -24.02 27.05 0.83
C ASP A 263 -25.53 27.15 0.67
N GLU A 264 -25.99 28.23 0.04
CA GLU A 264 -27.44 28.43 -0.21
C GLU A 264 -27.97 27.24 -1.02
N ILE A 265 -27.25 26.87 -2.10
CA ILE A 265 -27.67 25.75 -2.99
C ILE A 265 -27.71 24.45 -2.17
N LEU A 266 -26.65 24.17 -1.40
CA LEU A 266 -26.60 22.93 -0.57
C LEU A 266 -27.77 22.92 0.40
N LYS A 267 -28.05 24.06 1.04
CA LYS A 267 -29.20 24.18 1.98
C LYS A 267 -30.49 23.84 1.22
N TRP A 268 -30.65 24.36 0.01
CA TRP A 268 -31.85 24.07 -0.82
C TRP A 268 -31.89 22.59 -1.16
N LEU A 269 -30.72 22.00 -1.46
CA LEU A 269 -30.61 20.56 -1.83
C LEU A 269 -30.99 19.67 -0.63
N ASP A 270 -30.70 20.14 0.59
CA ASP A 270 -31.03 19.39 1.85
C ASP A 270 -32.53 19.11 1.95
N GLN A 271 -33.39 20.02 1.49
CA GLN A 271 -34.87 19.87 1.56
C GLN A 271 -35.44 19.07 0.38
N GLN A 272 -34.61 18.70 -0.61
CA GLN A 272 -35.15 17.97 -1.79
C GLN A 272 -35.07 16.45 -1.60
N PRO A 273 -35.94 15.66 -2.26
CA PRO A 273 -35.92 14.19 -2.16
C PRO A 273 -34.65 13.59 -2.78
N PRO A 274 -34.24 12.37 -2.34
CA PRO A 274 -33.02 11.74 -2.85
C PRO A 274 -33.04 11.40 -4.35
N SER A 275 -31.94 11.71 -5.04
CA SER A 275 -31.74 11.43 -6.49
C SER A 275 -32.86 12.04 -7.33
N SER A 276 -33.31 13.25 -7.00
CA SER A 276 -34.43 13.87 -7.75
C SER A 276 -33.97 15.13 -8.49
N VAL A 277 -32.73 15.59 -8.24
CA VAL A 277 -32.29 16.85 -8.82
C VAL A 277 -31.32 16.57 -9.96
N VAL A 278 -31.54 17.24 -11.10
CA VAL A 278 -30.59 17.25 -12.21
C VAL A 278 -29.63 18.42 -12.01
N PHE A 279 -28.34 18.14 -12.03
CA PHE A 279 -27.31 19.16 -11.96
C PHE A 279 -26.76 19.38 -13.36
N LEU A 280 -26.60 20.64 -13.76
CA LEU A 280 -26.03 21.00 -15.06
C LEU A 280 -24.83 21.91 -14.85
N CYS A 281 -23.67 21.52 -15.38
CA CYS A 281 -22.44 22.26 -15.14
C CYS A 281 -21.43 21.94 -16.23
N PHE A 282 -20.69 22.96 -16.67
CA PHE A 282 -19.92 22.83 -17.91
C PHE A 282 -18.45 23.21 -17.71
N GLY A 283 -17.86 22.81 -16.59
CA GLY A 283 -16.42 22.90 -16.47
C GLY A 283 -15.91 24.30 -16.16
N SER A 284 -14.59 24.43 -16.24
CA SER A 284 -13.96 25.69 -15.89
C SER A 284 -13.93 26.69 -17.04
N LYS A 285 -13.98 26.23 -18.29
CA LYS A 285 -13.96 27.15 -19.41
C LYS A 285 -15.25 27.15 -20.20
N GLY A 286 -16.23 26.33 -19.82
CA GLY A 286 -17.48 26.27 -20.54
C GLY A 286 -18.39 27.44 -20.21
N SER A 287 -19.21 27.80 -21.19
CA SER A 287 -20.14 28.91 -21.04
C SER A 287 -21.27 28.68 -22.03
N LEU A 288 -22.34 29.45 -21.87
CA LEU A 288 -23.53 29.31 -22.72
C LEU A 288 -23.92 30.68 -23.24
N ASN A 289 -24.14 30.76 -24.55
CA ASN A 289 -24.67 31.97 -25.15
C ASN A 289 -26.15 32.11 -24.79
N PRO A 290 -26.70 33.32 -24.92
CA PRO A 290 -28.10 33.52 -24.52
C PRO A 290 -29.07 32.60 -25.25
N ASP A 291 -28.90 32.34 -26.55
CA ASP A 291 -29.88 31.50 -27.21
C ASP A 291 -29.81 30.06 -26.73
N GLN A 292 -28.61 29.54 -26.47
CA GLN A 292 -28.50 28.19 -25.92
C GLN A 292 -29.07 28.14 -24.50
N ALA A 293 -28.87 29.21 -23.72
CA ALA A 293 -29.40 29.24 -22.36
C ALA A 293 -30.92 29.21 -22.38
N ARG A 294 -31.54 29.91 -23.32
CA ARG A 294 -33.00 29.92 -23.34
C ARG A 294 -33.55 28.55 -23.72
N GLU A 295 -32.86 27.82 -24.60
CA GLU A 295 -33.30 26.47 -24.94
C GLU A 295 -33.18 25.53 -23.75
N ILE A 296 -32.10 25.66 -22.97
CA ILE A 296 -32.01 24.87 -21.72
C ILE A 296 -33.18 25.19 -20.79
N ALA A 297 -33.44 26.48 -20.58
CA ALA A 297 -34.52 26.90 -19.70
C ALA A 297 -35.86 26.28 -20.12
N HIS A 298 -36.19 26.37 -21.41
CA HIS A 298 -37.43 25.78 -21.89
CA HIS A 298 -37.43 25.78 -21.89
C HIS A 298 -37.47 24.28 -21.60
N ALA A 299 -36.36 23.59 -21.86
CA ALA A 299 -36.31 22.15 -21.63
C ALA A 299 -36.45 21.82 -20.15
N LEU A 300 -35.81 22.62 -19.29
CA LEU A 300 -35.90 22.35 -17.86
C LEU A 300 -37.32 22.52 -17.36
N GLU A 301 -38.00 23.57 -17.84
CA GLU A 301 -39.37 23.81 -17.42
C GLU A 301 -40.29 22.70 -17.92
N ARG A 302 -40.05 22.21 -19.12
CA ARG A 302 -40.93 21.18 -19.68
C ARG A 302 -40.65 19.80 -19.13
N SER A 303 -39.40 19.56 -18.71
CA SER A 303 -38.94 18.23 -18.22
C SER A 303 -39.64 17.84 -16.91
N GLY A 304 -39.95 18.83 -16.07
CA GLY A 304 -40.58 18.59 -14.79
C GLY A 304 -39.66 18.24 -13.64
N HIS A 305 -38.37 17.99 -13.89
CA HIS A 305 -37.47 17.58 -12.82
C HIS A 305 -36.86 18.78 -12.10
N ARG A 306 -36.60 18.61 -10.81
CA ARG A 306 -35.85 19.61 -10.07
C ARG A 306 -34.45 19.76 -10.67
N PHE A 307 -33.87 20.95 -10.49
CA PHE A 307 -32.59 21.21 -11.14
C PHE A 307 -31.74 22.21 -10.37
N VAL A 308 -30.43 22.03 -10.50
CA VAL A 308 -29.47 23.06 -10.16
C VAL A 308 -28.67 23.33 -11.42
N TRP A 309 -28.74 24.57 -11.91
CA TRP A 309 -28.20 24.90 -13.22
C TRP A 309 -27.12 25.96 -13.04
N SER A 310 -25.88 25.56 -13.28
CA SER A 310 -24.75 26.49 -13.29
C SER A 310 -24.65 27.16 -14.67
N LEU A 311 -24.83 28.49 -14.71
CA LEU A 311 -24.98 29.24 -15.95
C LEU A 311 -23.99 30.40 -15.97
N ARG A 312 -23.03 30.34 -16.90
CA ARG A 312 -21.99 31.39 -17.03
C ARG A 312 -21.94 31.90 -18.47
N GLN A 313 -21.62 33.18 -18.64
CA GLN A 313 -21.58 33.86 -19.96
C GLN A 313 -20.14 33.87 -20.48
N PRO A 314 -19.92 33.76 -21.82
CA PRO A 314 -18.57 33.80 -22.38
C PRO A 314 -17.96 35.18 -22.12
N SER A 315 -16.66 35.23 -21.81
CA SER A 315 -15.98 36.52 -21.53
C SER A 315 -16.01 37.40 -22.78
N PRO A 316 -16.36 38.70 -22.68
CA PRO A 316 -16.37 39.60 -23.84
C PRO A 316 -14.93 39.94 -24.25
N LYS A 317 -14.70 40.13 -25.55
CA LYS A 317 -13.36 40.47 -26.08
C LYS A 317 -12.33 39.48 -25.54
N GLY A 318 -12.48 38.20 -25.90
CA GLY A 318 -11.57 37.14 -25.44
C GLY A 318 -12.28 35.82 -25.31
N LYS A 319 -12.25 34.98 -26.36
CA LYS A 319 -12.93 33.66 -26.35
C LYS A 319 -12.08 32.68 -25.53
N PHE A 320 -10.78 32.94 -25.40
CA PHE A 320 -9.91 32.14 -24.50
C PHE A 320 -9.62 32.93 -23.22
N GLU A 321 -10.56 33.78 -22.81
CA GLU A 321 -10.59 34.30 -21.42
C GLU A 321 -11.50 33.41 -20.55
N LYS A 322 -11.57 33.71 -19.25
CA LYS A 322 -12.40 32.90 -18.31
C LYS A 322 -13.85 33.38 -18.34
N PRO A 323 -14.86 32.47 -18.32
CA PRO A 323 -16.26 32.85 -18.35
C PRO A 323 -16.69 33.66 -17.11
N ILE A 324 -17.69 34.53 -17.30
CA ILE A 324 -18.23 35.38 -16.19
C ILE A 324 -19.70 35.04 -15.97
N GLU A 325 -20.33 35.67 -14.97
CA GLU A 325 -21.77 35.42 -14.69
C GLU A 325 -22.61 36.44 -15.48
N TYR A 326 -23.88 36.11 -15.76
CA TYR A 326 -24.76 37.04 -16.51
C TYR A 326 -25.20 38.16 -15.56
N ASP A 327 -25.04 39.41 -15.98
CA ASP A 327 -25.43 40.57 -15.14
C ASP A 327 -26.92 40.47 -14.81
N ASN A 328 -27.77 40.40 -15.84
CA ASN A 328 -29.23 40.29 -15.64
C ASN A 328 -29.73 39.01 -16.31
N ILE A 329 -29.91 37.93 -15.54
CA ILE A 329 -30.36 36.63 -16.10
C ILE A 329 -31.85 36.72 -16.46
N GLU A 330 -32.60 37.61 -15.79
CA GLU A 330 -34.05 37.80 -16.06
C GLU A 330 -34.27 38.37 -17.48
N ASP A 331 -33.33 39.15 -18.00
CA ASP A 331 -33.52 39.69 -19.38
C ASP A 331 -33.07 38.65 -20.40
N VAL A 332 -32.15 37.76 -20.01
CA VAL A 332 -31.60 36.73 -20.95
C VAL A 332 -32.54 35.52 -21.03
N LEU A 333 -32.98 35.00 -19.88
CA LEU A 333 -33.84 33.78 -19.84
C LEU A 333 -35.27 34.09 -20.27
N PRO A 334 -36.09 33.07 -20.59
CA PRO A 334 -37.48 33.28 -21.02
C PRO A 334 -38.28 34.06 -19.97
N GLU A 335 -39.19 34.93 -20.44
CA GLU A 335 -39.99 35.76 -19.55
C GLU A 335 -40.71 34.90 -18.53
N GLY A 336 -40.51 35.21 -17.26
CA GLY A 336 -41.18 34.51 -16.18
C GLY A 336 -40.59 33.17 -15.78
N PHE A 337 -39.46 32.76 -16.39
CA PHE A 337 -38.88 31.46 -16.09
C PHE A 337 -38.52 31.33 -14.62
N LEU A 338 -37.82 32.32 -14.07
CA LEU A 338 -37.37 32.20 -12.68
C LEU A 338 -38.56 32.18 -11.71
N ASP A 339 -39.62 32.90 -12.03
CA ASP A 339 -40.85 32.83 -11.23
C ASP A 339 -41.48 31.46 -11.32
N ARG A 340 -41.69 30.95 -12.53
CA ARG A 340 -42.39 29.68 -12.70
C ARG A 340 -41.61 28.50 -12.12
N THR A 341 -40.27 28.60 -12.05
CA THR A 341 -39.45 27.51 -11.55
C THR A 341 -38.93 27.74 -10.13
N ALA A 342 -39.47 28.73 -9.43
CA ALA A 342 -38.84 29.18 -8.18
C ALA A 342 -38.77 28.06 -7.14
N GLU A 343 -39.69 27.11 -7.16
CA GLU A 343 -39.58 26.03 -6.18
C GLU A 343 -39.16 24.72 -6.82
N MET A 344 -38.94 24.70 -8.14
CA MET A 344 -38.46 23.55 -8.88
C MET A 344 -36.93 23.53 -9.01
N GLY A 345 -36.27 24.68 -9.03
CA GLY A 345 -34.84 24.65 -9.26
C GLY A 345 -34.17 25.98 -8.99
N ARG A 346 -32.85 25.96 -9.12
CA ARG A 346 -32.01 27.11 -8.86
C ARG A 346 -31.03 27.29 -9.99
N VAL A 347 -30.74 28.54 -10.32
CA VAL A 347 -29.76 28.93 -11.32
C VAL A 347 -28.63 29.60 -10.58
N ILE A 348 -27.39 29.21 -10.88
CA ILE A 348 -26.21 29.71 -10.18
C ILE A 348 -25.10 29.96 -11.17
N GLY A 349 -24.05 30.64 -10.69
CA GLY A 349 -22.81 30.78 -11.42
C GLY A 349 -21.87 29.63 -11.12
N TRP A 350 -20.60 29.93 -10.85
CA TRP A 350 -19.67 28.91 -10.39
C TRP A 350 -20.29 28.09 -9.26
N ALA A 351 -20.19 26.75 -9.39
CA ALA A 351 -20.91 25.85 -8.53
C ALA A 351 -19.96 25.06 -7.60
N PRO A 352 -20.42 24.69 -6.41
CA PRO A 352 -19.67 23.74 -5.55
C PRO A 352 -19.93 22.31 -6.03
N GLN A 353 -19.22 21.93 -7.10
CA GLN A 353 -19.63 20.78 -7.90
C GLN A 353 -19.56 19.47 -7.11
N VAL A 354 -18.43 19.20 -6.44
CA VAL A 354 -18.31 17.91 -5.74
C VAL A 354 -19.30 17.83 -4.58
N GLU A 355 -19.51 18.95 -3.88
CA GLU A 355 -20.52 18.93 -2.82
C GLU A 355 -21.90 18.62 -3.37
N ILE A 356 -22.22 19.15 -4.56
CA ILE A 356 -23.51 18.87 -5.17
C ILE A 356 -23.59 17.41 -5.63
N LEU A 357 -22.53 16.93 -6.30
CA LEU A 357 -22.57 15.56 -6.79
C LEU A 357 -22.62 14.54 -5.65
N GLY A 358 -21.96 14.85 -4.54
CA GLY A 358 -22.03 13.99 -3.37
C GLY A 358 -23.25 14.19 -2.52
N HIS A 359 -24.10 15.13 -2.88
CA HIS A 359 -25.30 15.37 -2.10
C HIS A 359 -26.35 14.30 -2.43
N PRO A 360 -27.01 13.73 -1.43
CA PRO A 360 -28.00 12.67 -1.71
C PRO A 360 -29.16 13.10 -2.60
N ALA A 361 -29.44 14.40 -2.73
CA ALA A 361 -30.56 14.81 -3.57
C ALA A 361 -30.23 14.74 -5.05
N THR A 362 -28.95 14.75 -5.42
CA THR A 362 -28.56 14.82 -6.83
C THR A 362 -28.72 13.48 -7.52
N GLY A 363 -29.52 13.46 -8.59
CA GLY A 363 -29.86 12.23 -9.30
C GLY A 363 -29.29 12.09 -10.70
N GLY A 364 -28.85 13.20 -11.29
CA GLY A 364 -28.28 13.16 -12.63
C GLY A 364 -27.40 14.37 -12.86
N PHE A 365 -26.53 14.27 -13.87
CA PHE A 365 -25.52 15.29 -14.11
C PHE A 365 -25.44 15.52 -15.61
N VAL A 366 -25.88 16.69 -16.09
CA VAL A 366 -25.67 17.09 -17.48
C VAL A 366 -24.31 17.74 -17.50
N SER A 367 -23.33 17.10 -18.12
CA SER A 367 -21.94 17.46 -17.93
C SER A 367 -21.28 17.70 -19.28
N HIS A 368 -20.31 18.61 -19.32
CA HIS A 368 -19.48 18.76 -20.52
C HIS A 368 -18.48 17.61 -20.71
N CYS A 369 -18.39 16.66 -19.77
CA CYS A 369 -17.56 15.46 -19.88
CA CYS A 369 -17.55 15.47 -19.91
C CYS A 369 -16.06 15.78 -19.87
N GLY A 370 -15.68 16.88 -19.22
CA GLY A 370 -14.29 17.03 -18.83
C GLY A 370 -13.94 15.89 -17.90
N TRP A 371 -12.66 15.50 -17.90
CA TRP A 371 -12.32 14.22 -17.28
C TRP A 371 -12.47 14.26 -15.76
N ASN A 372 -12.15 15.40 -15.13
CA ASN A 372 -12.33 15.45 -13.66
C ASN A 372 -13.82 15.39 -13.30
N SER A 373 -14.67 16.07 -14.08
CA SER A 373 -16.11 15.96 -13.84
C SER A 373 -16.61 14.53 -14.03
N THR A 374 -16.06 13.83 -15.02
CA THR A 374 -16.44 12.43 -15.23
C THR A 374 -16.05 11.58 -14.02
N LEU A 375 -14.82 11.74 -13.53
CA LEU A 375 -14.39 10.93 -12.38
C LEU A 375 -15.18 11.28 -11.13
N GLU A 376 -15.45 12.58 -10.93
CA GLU A 376 -16.24 13.00 -9.78
C GLU A 376 -17.65 12.41 -9.81
N SER A 377 -18.30 12.42 -10.98
CA SER A 377 -19.64 11.86 -11.04
C SER A 377 -19.62 10.36 -10.83
N LEU A 378 -18.57 9.70 -11.30
CA LEU A 378 -18.44 8.23 -11.12
C LEU A 378 -18.24 7.94 -9.63
N TRP A 379 -17.40 8.73 -8.96
CA TRP A 379 -17.09 8.51 -7.55
C TRP A 379 -18.35 8.57 -6.68
N TYR A 380 -19.26 9.48 -7.00
CA TYR A 380 -20.49 9.63 -6.25
C TYR A 380 -21.65 8.85 -6.86
N GLY A 381 -21.42 8.11 -7.94
CA GLY A 381 -22.46 7.27 -8.52
C GLY A 381 -23.59 8.03 -9.21
N VAL A 382 -23.31 9.21 -9.76
CA VAL A 382 -24.32 10.04 -10.41
C VAL A 382 -24.21 9.80 -11.92
N PRO A 383 -25.24 9.29 -12.58
CA PRO A 383 -25.16 9.08 -14.03
C PRO A 383 -25.10 10.42 -14.75
N ILE A 384 -24.45 10.41 -15.91
CA ILE A 384 -24.16 11.62 -16.68
C ILE A 384 -24.87 11.56 -18.02
N ALA A 385 -25.45 12.71 -18.42
CA ALA A 385 -25.95 12.96 -19.80
C ALA A 385 -24.87 13.85 -20.43
N THR A 386 -24.22 13.38 -21.50
CA THR A 386 -23.04 14.08 -22.08
C THR A 386 -23.39 15.27 -22.99
N TRP A 387 -22.64 16.37 -22.82
CA TRP A 387 -22.75 17.61 -23.63
C TRP A 387 -21.34 18.15 -23.87
N PRO A 388 -20.50 17.47 -24.67
CA PRO A 388 -19.12 17.90 -24.91
C PRO A 388 -19.05 19.29 -25.54
N MET A 389 -18.02 20.07 -25.20
CA MET A 389 -17.90 21.45 -25.72
C MET A 389 -16.50 21.75 -26.28
N TYR A 390 -15.43 21.45 -25.53
CA TYR A 390 -14.07 21.79 -26.03
C TYR A 390 -13.08 20.67 -25.69
N ALA A 391 -11.79 20.93 -25.93
CA ALA A 391 -10.69 19.97 -25.66
C ALA A 391 -11.03 18.57 -26.20
N GLU A 392 -10.88 17.54 -25.36
CA GLU A 392 -11.12 16.13 -25.78
C GLU A 392 -12.48 15.66 -25.24
N GLN A 393 -13.38 16.58 -24.91
CA GLN A 393 -14.70 16.21 -24.34
C GLN A 393 -15.51 15.34 -25.32
N HIS A 394 -15.43 15.63 -26.62
CA HIS A 394 -16.20 14.80 -27.59
C HIS A 394 -15.74 13.35 -27.51
N PHE A 395 -14.42 13.13 -27.42
CA PHE A 395 -13.87 11.76 -27.32
C PHE A 395 -14.32 11.15 -25.98
N ASN A 396 -14.23 11.92 -24.90
CA ASN A 396 -14.64 11.44 -23.54
C ASN A 396 -16.10 10.96 -23.58
N ALA A 397 -16.98 11.75 -24.21
CA ALA A 397 -18.42 11.39 -24.33
C ALA A 397 -18.56 10.09 -25.13
N PHE A 398 -17.75 9.92 -26.18
CA PHE A 398 -17.79 8.67 -26.99
C PHE A 398 -17.35 7.48 -26.12
N GLU A 399 -16.24 7.64 -25.41
CA GLU A 399 -15.71 6.53 -24.57
C GLU A 399 -16.74 6.15 -23.48
N MET A 400 -17.25 7.14 -22.75
CA MET A 400 -18.19 6.88 -21.63
C MET A 400 -19.54 6.40 -22.16
N GLY A 401 -19.92 6.84 -23.37
CA GLY A 401 -21.24 6.46 -23.93
C GLY A 401 -21.20 5.20 -24.79
N VAL A 402 -20.56 5.29 -25.96
CA VAL A 402 -20.53 4.14 -26.92
C VAL A 402 -19.67 2.98 -26.39
N GLU A 403 -18.45 3.27 -25.93
CA GLU A 403 -17.53 2.18 -25.53
C GLU A 403 -17.86 1.58 -24.16
N LEU A 404 -18.05 2.40 -23.12
CA LEU A 404 -18.26 1.86 -21.75
C LEU A 404 -19.74 1.70 -21.39
N GLY A 405 -20.64 2.40 -22.07
CA GLY A 405 -22.09 2.30 -21.79
C GLY A 405 -22.47 2.83 -20.42
N LEU A 406 -21.72 3.81 -19.90
CA LEU A 406 -21.99 4.37 -18.55
C LEU A 406 -22.72 5.70 -18.66
N ALA A 407 -22.70 6.33 -19.84
CA ALA A 407 -23.35 7.64 -19.99
C ALA A 407 -24.30 7.65 -21.18
N VAL A 408 -25.22 8.62 -21.17
CA VAL A 408 -26.17 8.84 -22.30
C VAL A 408 -25.81 10.19 -22.94
N GLY A 409 -26.14 10.38 -24.21
CA GLY A 409 -25.82 11.68 -24.84
C GLY A 409 -26.99 12.64 -24.73
N ILE A 410 -26.72 13.94 -24.71
CA ILE A 410 -27.82 14.96 -24.67
C ILE A 410 -28.15 15.36 -26.11
N SER A 411 -28.54 14.38 -26.94
CA SER A 411 -28.91 14.56 -28.37
C SER A 411 -27.87 15.47 -29.06
N SER A 412 -26.58 15.13 -28.93
CA SER A 412 -25.45 15.91 -29.48
C SER A 412 -24.91 15.20 -30.72
N GLU A 413 -25.53 15.45 -31.87
CA GLU A 413 -25.07 14.83 -33.14
C GLU A 413 -23.85 15.60 -33.64
N SER A 414 -23.74 16.88 -33.24
CA SER A 414 -22.60 17.73 -33.65
C SER A 414 -21.38 17.39 -32.79
N SER A 415 -20.37 16.77 -33.40
CA SER A 415 -19.12 16.37 -32.71
C SER A 415 -17.91 16.98 -33.43
N ILE A 416 -16.94 17.50 -32.67
CA ILE A 416 -15.71 18.10 -33.25
C ILE A 416 -14.51 17.66 -32.42
N GLY A 419 -20.94 26.29 -34.56
CA GLY A 419 -21.89 27.11 -33.81
C GLY A 419 -23.33 26.64 -33.96
N VAL A 420 -23.60 25.40 -33.56
CA VAL A 420 -24.91 24.79 -33.70
C VAL A 420 -25.55 24.63 -32.31
N ILE A 421 -26.77 25.15 -32.17
CA ILE A 421 -27.48 25.12 -30.89
C ILE A 421 -28.12 23.76 -30.69
N VAL A 422 -28.19 23.30 -29.44
CA VAL A 422 -28.93 22.09 -29.11
C VAL A 422 -30.34 22.52 -28.74
N SER A 423 -31.33 21.98 -29.45
CA SER A 423 -32.72 22.43 -29.24
C SER A 423 -33.23 21.97 -27.88
N ALA A 424 -34.24 22.69 -27.38
CA ALA A 424 -34.91 22.27 -26.15
C ALA A 424 -35.49 20.87 -26.28
N GLU A 425 -35.98 20.49 -27.46
CA GLU A 425 -36.55 19.15 -27.64
C GLU A 425 -35.51 18.08 -27.37
N LYS A 426 -34.29 18.30 -27.86
CA LYS A 426 -33.21 17.33 -27.68
C LYS A 426 -32.72 17.31 -26.25
N ILE A 427 -32.67 18.47 -25.59
CA ILE A 427 -32.24 18.50 -24.19
C ILE A 427 -33.24 17.75 -23.34
N GLU A 428 -34.54 18.00 -23.56
CA GLU A 428 -35.55 17.30 -22.77
C GLU A 428 -35.50 15.79 -23.03
N GLU A 429 -35.24 15.40 -24.28
CA GLU A 429 -35.08 13.98 -24.59
C GLU A 429 -33.94 13.36 -23.80
N GLY A 430 -32.82 14.08 -23.67
CA GLY A 430 -31.70 13.58 -22.88
C GLY A 430 -31.98 13.54 -21.39
N ILE A 431 -32.69 14.54 -20.87
CA ILE A 431 -33.03 14.52 -19.44
C ILE A 431 -33.97 13.37 -19.14
N ARG A 432 -34.92 13.11 -20.06
CA ARG A 432 -35.83 11.97 -19.94
C ARG A 432 -35.06 10.64 -19.87
N LYS A 433 -34.10 10.45 -20.77
CA LYS A 433 -33.27 9.26 -20.70
C LYS A 433 -32.51 9.19 -19.38
N LEU A 434 -31.96 10.32 -18.95
CA LEU A 434 -31.14 10.37 -17.74
C LEU A 434 -31.95 10.05 -16.48
N MET A 435 -33.17 10.58 -16.39
CA MET A 435 -33.94 10.56 -15.16
C MET A 435 -35.15 9.64 -15.19
N GLY A 436 -35.65 9.28 -16.37
CA GLY A 436 -36.85 8.47 -16.48
C GLY A 436 -36.58 7.00 -16.26
N GLY A 443 -31.03 3.34 -19.26
CA GLY A 443 -31.81 4.32 -18.53
C GLY A 443 -31.81 3.98 -17.06
N GLY A 444 -32.80 3.19 -16.64
CA GLY A 444 -32.67 2.48 -15.37
C GLY A 444 -31.52 1.49 -15.39
N GLU A 445 -31.24 0.93 -16.57
CA GLU A 445 -30.13 0.00 -16.70
C GLU A 445 -28.79 0.71 -16.62
N VAL A 446 -28.67 1.89 -17.24
CA VAL A 446 -27.41 2.63 -17.16
C VAL A 446 -27.12 3.05 -15.73
N ARG A 447 -28.14 3.53 -15.00
CA ARG A 447 -27.93 3.96 -13.62
C ARG A 447 -27.38 2.81 -12.79
N LYS A 448 -27.84 1.59 -13.07
CA LYS A 448 -27.39 0.39 -12.33
C LYS A 448 -25.90 0.17 -12.60
N LEU A 449 -25.48 0.30 -13.87
CA LEU A 449 -24.07 0.12 -14.28
C LEU A 449 -23.19 1.19 -13.62
N VAL A 450 -23.71 2.41 -13.51
CA VAL A 450 -22.94 3.54 -12.91
C VAL A 450 -22.73 3.26 -11.41
N LYS A 451 -23.74 2.72 -10.74
CA LYS A 451 -23.63 2.41 -9.29
C LYS A 451 -22.54 1.35 -9.06
N ALA A 452 -22.55 0.30 -9.88
CA ALA A 452 -21.55 -0.79 -9.75
C ALA A 452 -20.15 -0.24 -10.02
N LYS A 453 -20.01 0.60 -11.06
CA LYS A 453 -18.71 1.19 -11.41
C LYS A 453 -18.25 2.13 -10.29
N SER A 454 -19.19 2.84 -9.67
CA SER A 454 -18.88 3.76 -8.55
C SER A 454 -18.22 2.95 -7.41
N GLU A 455 -18.80 1.79 -7.11
CA GLU A 455 -18.25 0.90 -6.04
C GLU A 455 -16.82 0.50 -6.42
N GLU A 456 -16.62 0.14 -7.69
CA GLU A 456 -15.28 -0.27 -8.20
C GLU A 456 -14.29 0.90 -8.02
N SER A 457 -14.74 2.13 -8.29
CA SER A 457 -13.85 3.32 -8.18
C SER A 457 -13.38 3.50 -6.73
N ARG A 458 -14.27 3.29 -5.76
CA ARG A 458 -13.92 3.47 -4.33
C ARG A 458 -12.94 2.39 -3.89
N LYS A 459 -13.14 1.16 -4.36
CA LYS A 459 -12.29 0.06 -3.94
C LYS A 459 -10.93 0.07 -4.62
N SER A 460 -10.82 0.75 -5.77
CA SER A 460 -9.58 0.72 -6.52
C SER A 460 -8.44 1.41 -5.77
N VAL A 461 -8.77 2.43 -4.99
CA VAL A 461 -7.76 3.21 -4.27
C VAL A 461 -7.58 2.75 -2.83
N MET A 462 -8.39 1.82 -2.36
CA MET A 462 -8.23 1.25 -1.02
C MET A 462 -7.17 0.15 -1.03
N GLU A 463 -6.74 -0.25 0.17
CA GLU A 463 -5.72 -1.29 0.29
C GLU A 463 -6.05 -2.51 -0.56
N GLY A 464 -5.06 -2.98 -1.32
CA GLY A 464 -5.24 -4.12 -2.20
C GLY A 464 -5.81 -3.81 -3.58
N GLY A 465 -6.44 -2.65 -3.76
CA GLY A 465 -7.07 -2.31 -5.04
C GLY A 465 -6.09 -2.02 -6.16
N SER A 466 -6.61 -1.96 -7.38
CA SER A 466 -5.75 -1.83 -8.56
C SER A 466 -4.93 -0.54 -8.52
N SER A 467 -5.52 0.58 -8.16
CA SER A 467 -4.76 1.83 -8.17
C SER A 467 -3.84 1.94 -6.97
N PHE A 468 -4.26 1.37 -5.85
CA PHE A 468 -3.38 1.27 -4.68
C PHE A 468 -2.10 0.51 -5.01
N THR A 469 -2.22 -0.68 -5.59
CA THR A 469 -1.02 -1.44 -5.91
C THR A 469 -0.26 -0.85 -7.09
N SER A 470 -0.95 -0.24 -8.06
CA SER A 470 -0.21 0.38 -9.15
C SER A 470 0.64 1.55 -8.67
N LEU A 471 0.11 2.33 -7.73
CA LEU A 471 0.91 3.40 -7.15
C LEU A 471 2.12 2.84 -6.39
N ASN A 472 1.94 1.75 -5.65
CA ASN A 472 3.08 1.11 -5.00
C ASN A 472 4.13 0.66 -6.00
N ARG A 473 3.69 0.09 -7.13
CA ARG A 473 4.64 -0.35 -8.14
C ARG A 473 5.41 0.81 -8.72
N PHE A 474 4.73 1.94 -8.99
CA PHE A 474 5.44 3.15 -9.44
C PHE A 474 6.49 3.59 -8.42
N ILE A 475 6.10 3.70 -7.14
CA ILE A 475 7.03 4.10 -6.08
C ILE A 475 8.25 3.20 -6.06
N ASP A 476 8.02 1.88 -6.15
CA ASP A 476 9.13 0.94 -6.11
C ASP A 476 10.06 1.13 -7.30
N GLU A 477 9.50 1.36 -8.50
CA GLU A 477 10.35 1.69 -9.66
C GLU A 477 11.16 2.96 -9.41
N VAL A 478 10.50 4.02 -8.93
CA VAL A 478 11.17 5.29 -8.67
C VAL A 478 12.32 5.10 -7.68
N MET A 479 12.12 4.27 -6.65
CA MET A 479 13.09 4.14 -5.59
C MET A 479 14.20 3.15 -5.92
N LYS A 480 14.15 2.50 -7.07
CA LYS A 480 15.29 1.73 -7.55
C LYS A 480 16.47 2.65 -7.83
N LYS B 1 -5.45 -15.62 -12.96
CA LYS B 1 -5.23 -15.60 -11.52
C LYS B 1 -3.79 -16.03 -11.18
N VAL B 2 -3.17 -15.29 -10.27
CA VAL B 2 -1.78 -15.48 -9.89
C VAL B 2 -1.76 -16.17 -8.53
N GLU B 3 -1.03 -17.27 -8.42
CA GLU B 3 -1.01 -18.07 -7.19
C GLU B 3 0.36 -18.03 -6.53
N LEU B 4 0.37 -17.91 -5.20
CA LEU B 4 1.51 -18.23 -4.36
C LEU B 4 1.17 -19.46 -3.56
N VAL B 5 2.07 -20.44 -3.55
CA VAL B 5 1.86 -21.69 -2.83
C VAL B 5 2.78 -21.67 -1.61
N PHE B 6 2.19 -21.78 -0.42
CA PHE B 6 2.94 -21.82 0.83
C PHE B 6 3.06 -23.26 1.30
N VAL B 7 4.26 -23.64 1.74
CA VAL B 7 4.50 -24.88 2.48
C VAL B 7 5.01 -24.51 3.87
N PRO B 8 4.13 -24.31 4.84
CA PRO B 8 4.58 -23.89 6.17
C PRO B 8 5.30 -25.01 6.92
N GLY B 9 5.99 -24.61 7.98
CA GLY B 9 6.69 -25.54 8.83
C GLY B 9 5.84 -25.91 10.03
N PRO B 10 6.38 -26.80 10.87
CA PRO B 10 5.61 -27.30 12.02
C PRO B 10 5.69 -26.39 13.24
N GLY B 11 4.63 -26.40 14.02
CA GLY B 11 4.58 -25.67 15.27
C GLY B 11 3.85 -24.34 15.15
N ILE B 12 3.24 -23.93 16.27
CA ILE B 12 2.47 -22.68 16.31
C ILE B 12 3.31 -21.52 15.79
N GLY B 13 4.56 -21.41 16.24
CA GLY B 13 5.42 -20.30 15.86
C GLY B 13 5.81 -20.28 14.39
N HIS B 14 5.67 -21.42 13.71
CA HIS B 14 5.94 -21.52 12.28
C HIS B 14 4.68 -21.44 11.44
N LEU B 15 3.63 -22.18 11.83
CA LEU B 15 2.43 -22.30 11.00
C LEU B 15 1.51 -21.09 11.12
N SER B 16 1.17 -20.70 12.35
CA SER B 16 0.31 -19.54 12.53
C SER B 16 0.88 -18.32 11.83
N THR B 17 2.20 -18.16 11.89
CA THR B 17 2.87 -17.01 11.31
C THR B 17 2.76 -17.02 9.78
N ALA B 18 2.95 -18.19 9.16
CA ALA B 18 2.81 -18.29 7.71
C ALA B 18 1.39 -17.93 7.27
N LEU B 19 0.39 -18.35 8.04
CA LEU B 19 -0.98 -17.99 7.68
C LEU B 19 -1.20 -16.49 7.81
N GLN B 20 -0.57 -15.85 8.81
CA GLN B 20 -0.72 -14.40 8.94
C GLN B 20 -0.10 -13.66 7.76
N ILE B 21 1.07 -14.08 7.29
CA ILE B 21 1.63 -13.33 6.16
C ILE B 21 0.86 -13.66 4.88
N ALA B 22 0.35 -14.88 4.75
CA ALA B 22 -0.51 -15.18 3.61
C ALA B 22 -1.73 -14.25 3.60
N ASP B 23 -2.35 -14.06 4.77
CA ASP B 23 -3.51 -13.17 4.87
C ASP B 23 -3.12 -11.73 4.57
N LEU B 24 -1.96 -11.29 5.07
CA LEU B 24 -1.49 -9.94 4.77
C LEU B 24 -1.30 -9.73 3.28
N LEU B 25 -0.65 -10.68 2.62
CA LEU B 25 -0.45 -10.57 1.18
C LEU B 25 -1.78 -10.49 0.44
N LEU B 26 -2.76 -11.30 0.85
CA LEU B 26 -4.06 -11.30 0.18
C LEU B 26 -4.78 -9.97 0.36
N ARG B 27 -4.65 -9.36 1.54
CA ARG B 27 -5.24 -8.04 1.77
C ARG B 27 -4.52 -6.96 0.99
N ARG B 28 -3.23 -7.14 0.76
CA ARG B 28 -2.42 -6.07 0.22
C ARG B 28 -2.39 -6.06 -1.30
N ASP B 29 -2.79 -7.15 -1.94
CA ASP B 29 -2.93 -7.13 -3.41
C ASP B 29 -4.02 -8.10 -3.83
N HIS B 30 -5.14 -7.54 -4.30
CA HIS B 30 -6.27 -8.39 -4.67
C HIS B 30 -6.03 -9.21 -5.92
N ARG B 31 -4.92 -8.98 -6.64
CA ARG B 31 -4.59 -9.85 -7.76
C ARG B 31 -4.09 -11.21 -7.30
N LEU B 32 -3.79 -11.37 -6.02
CA LEU B 32 -3.11 -12.54 -5.52
C LEU B 32 -4.10 -13.58 -4.99
N SER B 33 -3.75 -14.84 -5.21
CA SER B 33 -4.35 -16.01 -4.57
C SER B 33 -3.26 -16.79 -3.87
N VAL B 34 -3.65 -17.54 -2.83
CA VAL B 34 -2.71 -18.31 -2.03
C VAL B 34 -3.27 -19.71 -1.87
N THR B 35 -2.44 -20.71 -2.11
CA THR B 35 -2.73 -22.08 -1.71
C THR B 35 -1.74 -22.51 -0.63
N VAL B 36 -2.24 -23.16 0.41
CA VAL B 36 -1.41 -23.67 1.49
C VAL B 36 -1.39 -25.19 1.44
N LEU B 37 -0.21 -25.77 1.27
CA LEU B 37 -0.02 -27.21 1.28
C LEU B 37 0.43 -27.64 2.68
N SER B 38 -0.39 -28.44 3.35
CA SER B 38 -0.13 -28.85 4.73
C SER B 38 0.51 -30.24 4.73
N ILE B 39 1.72 -30.32 5.28
CA ILE B 39 2.43 -31.60 5.41
C ILE B 39 2.02 -32.23 6.73
N PRO B 40 1.47 -33.45 6.72
CA PRO B 40 1.05 -34.08 7.98
C PRO B 40 2.25 -34.51 8.83
N LEU B 41 1.98 -34.65 10.13
CA LEU B 41 2.95 -35.02 11.14
C LEU B 41 2.53 -36.32 11.82
N PRO B 42 3.50 -37.12 12.33
CA PRO B 42 3.21 -38.30 13.15
C PRO B 42 2.62 -37.95 14.51
N SER B 64 -11.84 -16.29 0.27
CA SER B 64 -12.35 -16.34 -1.10
C SER B 64 -11.23 -16.70 -2.05
N ARG B 65 -10.00 -16.33 -1.67
CA ARG B 65 -8.83 -16.49 -2.51
C ARG B 65 -7.71 -17.26 -1.81
N ILE B 66 -7.99 -17.94 -0.70
CA ILE B 66 -7.02 -18.79 -0.02
C ILE B 66 -7.57 -20.21 0.03
N ARG B 67 -6.73 -21.17 -0.34
CA ARG B 67 -7.10 -22.57 -0.42
C ARG B 67 -6.16 -23.41 0.44
N PHE B 68 -6.72 -24.40 1.13
CA PHE B 68 -5.96 -25.34 1.95
C PHE B 68 -6.00 -26.72 1.34
N ILE B 69 -4.83 -27.35 1.21
CA ILE B 69 -4.71 -28.70 0.70
C ILE B 69 -3.92 -29.52 1.70
N SER B 70 -4.50 -30.63 2.15
CA SER B 70 -3.81 -31.59 2.99
C SER B 70 -3.11 -32.61 2.09
N LEU B 71 -1.79 -32.67 2.19
CA LEU B 71 -1.04 -33.63 1.40
C LEU B 71 -1.23 -35.04 1.99
N PRO B 72 -1.26 -36.06 1.14
CA PRO B 72 -1.50 -37.42 1.64
C PRO B 72 -0.40 -37.86 2.59
N GLN B 73 -0.79 -38.53 3.67
CA GLN B 73 0.18 -39.02 4.62
C GLN B 73 0.98 -40.19 4.03
N ARG B 74 2.26 -40.24 4.36
CA ARG B 74 3.13 -41.33 3.95
C ARG B 74 3.90 -41.88 5.14
N GLN B 87 11.83 -33.57 9.88
CA GLN B 87 13.22 -34.02 9.89
C GLN B 87 13.55 -34.73 8.57
N ALA B 88 12.90 -35.86 8.33
CA ALA B 88 12.83 -36.49 7.01
C ALA B 88 11.38 -36.65 6.59
N VAL B 89 10.45 -36.21 7.43
CA VAL B 89 9.05 -36.04 7.06
C VAL B 89 8.93 -35.28 5.75
N PHE B 90 9.74 -34.23 5.59
CA PHE B 90 9.59 -33.33 4.45
C PHE B 90 10.00 -34.02 3.15
N GLU B 91 11.05 -34.84 3.19
CA GLU B 91 11.55 -35.42 1.95
C GLU B 91 10.61 -36.49 1.41
N THR B 92 9.92 -37.24 2.29
CA THR B 92 8.91 -38.16 1.78
C THR B 92 7.75 -37.43 1.10
N GLN B 93 7.63 -36.12 1.28
CA GLN B 93 6.55 -35.34 0.71
C GLN B 93 6.92 -34.61 -0.57
N LYS B 94 8.16 -34.74 -1.05
CA LYS B 94 8.62 -33.95 -2.20
C LYS B 94 7.76 -34.22 -3.43
N GLN B 95 7.42 -35.48 -3.69
CA GLN B 95 6.65 -35.82 -4.87
C GLN B 95 5.20 -35.39 -4.75
N ASN B 96 4.61 -35.47 -3.56
CA ASN B 96 3.28 -34.92 -3.37
C ASN B 96 3.26 -33.42 -3.59
N VAL B 97 4.33 -32.73 -3.17
CA VAL B 97 4.39 -31.29 -3.37
C VAL B 97 4.54 -30.98 -4.85
N LYS B 98 5.49 -31.64 -5.51
CA LYS B 98 5.67 -31.45 -6.96
C LYS B 98 4.36 -31.63 -7.70
N GLU B 99 3.59 -32.66 -7.35
CA GLU B 99 2.36 -32.94 -8.10
C GLU B 99 1.28 -31.91 -7.79
N ALA B 100 1.15 -31.50 -6.53
CA ALA B 100 0.12 -30.51 -6.21
C ALA B 100 0.44 -29.17 -6.87
N VAL B 101 1.72 -28.82 -6.93
CA VAL B 101 2.13 -27.57 -7.56
C VAL B 101 1.90 -27.63 -9.06
N ALA B 102 2.28 -28.74 -9.69
CA ALA B 102 2.00 -28.93 -11.11
C ALA B 102 0.51 -28.85 -11.42
N LYS B 103 -0.32 -29.43 -10.54
CA LYS B 103 -1.76 -29.39 -10.76
C LYS B 103 -2.32 -27.97 -10.61
N LEU B 104 -1.79 -27.19 -9.67
CA LEU B 104 -2.24 -25.80 -9.54
C LEU B 104 -1.82 -24.98 -10.74
N SER B 105 -0.61 -25.22 -11.23
CA SER B 105 -0.06 -24.48 -12.39
C SER B 105 -0.96 -24.65 -13.62
N ASP B 106 -2.03 -25.44 -13.48
CA ASP B 106 -2.96 -25.72 -14.62
C ASP B 106 -3.98 -24.60 -14.78
N SER B 107 -4.57 -24.13 -13.67
CA SER B 107 -5.62 -23.09 -13.75
C SER B 107 -5.13 -21.76 -13.18
N SER B 108 -3.81 -21.55 -13.10
CA SER B 108 -3.29 -20.28 -12.54
C SER B 108 -1.83 -20.07 -12.95
N ILE B 109 -1.36 -18.82 -12.79
CA ILE B 109 0.05 -18.48 -13.04
C ILE B 109 0.77 -18.74 -11.72
N LEU B 110 1.64 -19.76 -11.67
CA LEU B 110 2.36 -20.10 -10.42
C LEU B 110 3.47 -19.07 -10.21
N ALA B 111 3.17 -18.01 -9.45
CA ALA B 111 4.12 -16.91 -9.18
C ALA B 111 5.30 -17.40 -8.32
N GLY B 112 5.09 -18.41 -7.48
CA GLY B 112 6.23 -18.88 -6.65
C GLY B 112 5.82 -19.83 -5.54
N LEU B 113 6.82 -20.45 -4.91
CA LEU B 113 6.64 -21.40 -3.80
C LEU B 113 7.29 -20.80 -2.55
N VAL B 114 6.49 -20.44 -1.54
CA VAL B 114 7.02 -19.86 -0.27
C VAL B 114 7.20 -21.00 0.73
N LEU B 115 8.44 -21.22 1.16
CA LEU B 115 8.79 -22.35 2.00
C LEU B 115 9.20 -21.90 3.39
N ASP B 116 8.80 -22.66 4.41
CA ASP B 116 9.41 -22.52 5.73
C ASP B 116 10.88 -22.92 5.67
N MET B 117 11.66 -22.43 6.65
CA MET B 117 13.09 -22.73 6.70
C MET B 117 13.37 -24.24 6.76
N PHE B 118 12.42 -25.02 7.25
CA PHE B 118 12.65 -26.46 7.36
C PHE B 118 12.17 -27.22 6.15
N CYS B 119 11.51 -26.55 5.21
CA CYS B 119 10.89 -27.17 4.05
C CYS B 119 11.68 -26.91 2.77
N VAL B 120 12.89 -26.35 2.88
CA VAL B 120 13.56 -25.87 1.68
C VAL B 120 14.13 -26.99 0.83
N THR B 121 13.93 -28.26 1.22
CA THR B 121 14.16 -29.34 0.28
C THR B 121 13.27 -29.20 -0.96
N MET B 122 12.15 -28.49 -0.84
CA MET B 122 11.29 -28.22 -1.97
C MET B 122 11.87 -27.19 -2.92
N VAL B 123 13.03 -26.59 -2.64
CA VAL B 123 13.65 -25.72 -3.63
C VAL B 123 13.94 -26.50 -4.90
N ASP B 124 14.24 -27.79 -4.76
CA ASP B 124 14.47 -28.67 -5.91
C ASP B 124 13.20 -28.80 -6.75
N VAL B 125 12.07 -29.04 -6.08
CA VAL B 125 10.79 -29.16 -6.76
C VAL B 125 10.49 -27.89 -7.55
N ALA B 126 10.74 -26.72 -6.96
CA ALA B 126 10.50 -25.48 -7.67
C ALA B 126 11.41 -25.35 -8.87
N LYS B 127 12.70 -25.67 -8.69
CA LYS B 127 13.65 -25.69 -9.80
C LYS B 127 13.16 -26.61 -10.92
N GLN B 128 12.76 -27.83 -10.58
CA GLN B 128 12.33 -28.78 -11.60
C GLN B 128 11.10 -28.28 -12.36
N LEU B 129 10.21 -27.56 -11.68
CA LEU B 129 8.99 -27.11 -12.33
C LEU B 129 9.11 -25.71 -12.95
N GLY B 130 10.29 -25.10 -12.91
CA GLY B 130 10.46 -23.79 -13.50
C GLY B 130 9.77 -22.66 -12.76
N VAL B 131 9.64 -22.79 -11.44
CA VAL B 131 8.83 -21.85 -10.65
C VAL B 131 9.72 -21.18 -9.63
N PRO B 132 9.57 -19.87 -9.40
CA PRO B 132 10.41 -19.20 -8.40
C PRO B 132 10.18 -19.76 -7.00
N SER B 133 11.26 -19.79 -6.22
CA SER B 133 11.18 -20.24 -4.83
C SER B 133 11.56 -19.09 -3.90
N TYR B 134 10.92 -19.10 -2.73
CA TYR B 134 11.15 -18.11 -1.68
C TYR B 134 11.16 -18.83 -0.35
N VAL B 135 11.85 -18.24 0.61
CA VAL B 135 11.80 -18.69 2.02
C VAL B 135 11.03 -17.65 2.81
N PHE B 136 10.05 -18.09 3.61
CA PHE B 136 9.52 -17.24 4.68
C PHE B 136 10.20 -17.69 5.97
N PHE B 137 11.18 -16.90 6.41
CA PHE B 137 12.05 -17.22 7.53
C PHE B 137 11.42 -16.63 8.79
N THR B 138 11.04 -17.49 9.73
CA THR B 138 10.23 -17.07 10.85
C THR B 138 11.05 -16.72 12.09
N SER B 139 12.38 -16.87 12.02
CA SER B 139 13.27 -16.35 13.03
C SER B 139 13.88 -15.03 12.58
N SER B 140 14.82 -14.54 13.37
CA SER B 140 15.41 -13.21 13.17
C SER B 140 16.35 -13.17 11.96
N ALA B 141 16.51 -11.96 11.41
CA ALA B 141 17.51 -11.78 10.37
C ALA B 141 18.90 -12.11 10.90
N GLY B 142 19.16 -11.75 12.16
CA GLY B 142 20.44 -12.10 12.75
C GLY B 142 20.66 -13.59 12.78
N TYR B 143 19.59 -14.35 13.06
CA TYR B 143 19.77 -15.79 13.04
C TYR B 143 19.95 -16.30 11.62
N LEU B 144 19.28 -15.67 10.65
CA LEU B 144 19.55 -16.03 9.26
C LEU B 144 21.02 -15.88 8.94
N SER B 145 21.63 -14.76 9.38
CA SER B 145 23.04 -14.53 9.10
C SER B 145 23.90 -15.56 9.82
N PHE B 146 23.52 -15.90 11.06
CA PHE B 146 24.32 -16.80 11.88
C PHE B 146 24.30 -18.21 11.31
N THR B 147 23.11 -18.73 10.99
CA THR B 147 23.03 -20.09 10.48
C THR B 147 23.62 -20.20 9.07
N SER B 148 23.53 -19.13 8.27
CA SER B 148 24.21 -19.12 6.98
C SER B 148 25.72 -19.10 7.14
N HIS B 149 26.22 -18.33 8.12
CA HIS B 149 27.66 -18.26 8.32
C HIS B 149 28.21 -19.56 8.87
N LEU B 150 27.43 -20.24 9.71
CA LEU B 150 27.88 -21.55 10.27
C LEU B 150 28.03 -22.54 9.11
N GLN B 151 27.11 -22.48 8.15
CA GLN B 151 27.14 -23.38 6.97
C GLN B 151 28.35 -23.03 6.10
N ASP B 152 28.65 -21.73 5.99
CA ASP B 152 29.80 -21.25 5.17
C ASP B 152 31.11 -21.76 5.78
N LEU B 153 31.25 -21.64 7.11
CA LEU B 153 32.48 -22.07 7.83
C LEU B 153 32.69 -23.58 7.66
N SER B 154 31.61 -24.37 7.77
CA SER B 154 31.72 -25.85 7.68
C SER B 154 31.80 -26.33 6.23
N ASP B 155 31.53 -25.47 5.25
CA ASP B 155 31.62 -25.90 3.83
C ASP B 155 33.06 -25.69 3.36
N ARG B 156 33.64 -24.52 3.67
CA ARG B 156 35.05 -24.25 3.28
C ARG B 156 35.93 -25.11 4.18
N HIS B 157 36.11 -24.70 5.43
CA HIS B 157 36.90 -25.47 6.43
C HIS B 157 36.17 -26.79 6.68
N GLY B 158 36.89 -27.91 6.77
CA GLY B 158 36.24 -29.22 7.01
C GLY B 158 35.70 -29.34 8.43
N LYS B 159 36.29 -28.60 9.38
CA LYS B 159 35.89 -28.63 10.81
C LYS B 159 34.37 -28.58 10.97
N GLU B 160 33.82 -29.50 11.78
CA GLU B 160 32.36 -29.56 12.04
C GLU B 160 31.97 -28.41 12.97
N THR B 161 30.71 -27.98 12.92
CA THR B 161 30.22 -26.89 13.80
C THR B 161 30.45 -27.28 15.26
N GLN B 162 30.33 -28.57 15.57
CA GLN B 162 30.50 -29.08 16.93
C GLN B 162 31.79 -28.57 17.56
N GLN B 163 32.86 -28.46 16.78
CA GLN B 163 34.13 -28.01 17.36
C GLN B 163 34.15 -26.52 17.65
N LEU B 164 33.15 -25.76 17.23
CA LEU B 164 33.05 -24.36 17.63
C LEU B 164 32.22 -24.18 18.89
N MET B 165 31.52 -25.22 19.34
CA MET B 165 30.57 -25.11 20.43
C MET B 165 31.28 -25.20 21.79
N ARG B 166 32.15 -24.21 22.03
CA ARG B 166 33.06 -24.21 23.17
C ARG B 166 33.03 -22.83 23.82
N SER B 167 33.45 -22.80 25.08
CA SER B 167 33.39 -21.55 25.85
C SER B 167 34.45 -20.54 25.40
N ASP B 168 35.53 -21.00 24.77
CA ASP B 168 36.60 -20.11 24.33
C ASP B 168 36.56 -19.86 22.82
N VAL B 169 35.37 -19.97 22.22
CA VAL B 169 35.19 -19.73 20.78
C VAL B 169 34.28 -18.51 20.61
N GLU B 170 34.69 -17.62 19.70
CA GLU B 170 33.97 -16.41 19.33
C GLU B 170 33.88 -16.38 17.81
N ILE B 171 32.69 -16.12 17.27
CA ILE B 171 32.46 -16.19 15.82
C ILE B 171 32.16 -14.80 15.28
N ALA B 172 32.80 -14.45 14.18
CA ALA B 172 32.51 -13.21 13.47
C ALA B 172 31.33 -13.45 12.53
N VAL B 173 30.17 -12.93 12.90
CA VAL B 173 28.94 -13.14 12.14
C VAL B 173 28.64 -11.84 11.39
N PRO B 174 28.49 -11.88 10.07
CA PRO B 174 28.17 -10.66 9.31
C PRO B 174 26.98 -9.92 9.91
N GLY B 175 27.17 -8.63 10.17
CA GLY B 175 26.12 -7.79 10.71
C GLY B 175 26.19 -7.58 12.20
N PHE B 176 27.05 -8.30 12.93
CA PHE B 176 27.15 -8.14 14.38
C PHE B 176 28.41 -7.39 14.77
N THR B 177 28.23 -6.31 15.53
CA THR B 177 29.36 -5.64 16.16
C THR B 177 30.07 -6.58 17.14
N ASN B 178 29.31 -7.24 18.00
CA ASN B 178 29.87 -8.10 19.01
C ASN B 178 30.20 -9.47 18.43
N PRO B 179 31.32 -10.08 18.84
CA PRO B 179 31.57 -11.47 18.45
C PRO B 179 30.48 -12.34 19.05
N VAL B 180 30.11 -13.38 18.34
CA VAL B 180 29.01 -14.25 18.73
C VAL B 180 29.60 -15.46 19.45
N PRO B 181 29.28 -15.69 20.71
CA PRO B 181 29.88 -16.82 21.45
C PRO B 181 29.53 -18.15 20.83
N GLY B 182 30.51 -19.05 20.80
CA GLY B 182 30.21 -20.42 20.44
C GLY B 182 29.20 -21.07 21.36
N LYS B 183 29.09 -20.56 22.59
CA LYS B 183 28.10 -21.02 23.56
C LYS B 183 26.66 -20.84 23.10
N VAL B 184 26.39 -19.92 22.15
CA VAL B 184 25.02 -19.67 21.72
C VAL B 184 24.73 -20.28 20.35
N ILE B 185 25.65 -21.07 19.80
CA ILE B 185 25.29 -21.93 18.66
C ILE B 185 24.19 -22.88 19.10
N PRO B 186 23.08 -23.00 18.37
CA PRO B 186 21.99 -23.88 18.82
C PRO B 186 22.49 -25.28 19.13
N GLY B 187 22.00 -25.84 20.25
CA GLY B 187 22.51 -27.11 20.73
C GLY B 187 22.37 -28.25 19.75
N VAL B 188 21.39 -28.18 18.85
CA VAL B 188 21.16 -29.26 17.90
C VAL B 188 22.32 -29.42 16.94
N TYR B 189 23.18 -28.41 16.85
CA TYR B 189 24.35 -28.45 15.95
C TYR B 189 25.41 -29.41 16.51
N PHE B 190 25.22 -29.86 17.76
CA PHE B 190 26.18 -30.81 18.38
C PHE B 190 26.10 -32.15 17.65
N ASN B 191 24.90 -32.54 17.23
CA ASN B 191 24.69 -33.81 16.48
C ASN B 191 25.24 -33.65 15.07
N LYS B 192 26.08 -34.59 14.63
CA LYS B 192 26.72 -34.57 13.29
C LYS B 192 25.66 -34.57 12.19
N ASN B 193 24.68 -35.47 12.29
CA ASN B 193 23.61 -35.62 11.26
C ASN B 193 22.71 -34.37 11.24
N MET B 194 22.31 -33.88 12.42
CA MET B 194 21.42 -32.69 12.48
C MET B 194 22.16 -31.47 11.93
N ALA B 195 23.41 -31.26 12.35
CA ALA B 195 24.20 -30.11 11.88
C ALA B 195 24.29 -30.12 10.35
N GLU B 196 24.58 -31.28 9.77
CA GLU B 196 24.70 -31.41 8.30
C GLU B 196 23.37 -31.04 7.64
N TRP B 197 22.25 -31.53 8.19
CA TRP B 197 20.93 -31.21 7.60
C TRP B 197 20.67 -29.70 7.69
N LEU B 198 21.00 -29.08 8.83
CA LEU B 198 20.79 -27.63 9.00
C LEU B 198 21.65 -26.88 7.98
N HIS B 199 22.90 -27.33 7.78
CA HIS B 199 23.78 -26.71 6.78
C HIS B 199 23.13 -26.85 5.40
N ASP B 200 22.54 -28.01 5.12
CA ASP B 200 21.87 -28.21 3.83
C ASP B 200 20.74 -27.21 3.63
N CYS B 201 19.99 -26.93 4.70
CA CYS B 201 18.94 -25.91 4.62
C CYS B 201 19.53 -24.56 4.26
N ALA B 202 20.60 -24.16 4.96
CA ALA B 202 21.20 -22.86 4.70
C ALA B 202 21.74 -22.79 3.27
N ARG B 203 22.33 -23.88 2.80
CA ARG B 203 22.81 -23.94 1.42
C ARG B 203 21.67 -23.75 0.43
N ARG B 204 20.51 -24.34 0.73
CA ARG B 204 19.37 -24.19 -0.17
C ARG B 204 18.76 -22.78 -0.12
N PHE B 205 18.85 -22.07 1.02
CA PHE B 205 18.37 -20.68 1.03
C PHE B 205 19.03 -19.88 -0.08
N ARG B 206 20.33 -20.10 -0.28
CA ARG B 206 21.11 -19.31 -1.22
C ARG B 206 20.63 -19.54 -2.65
N GLU B 207 19.90 -20.63 -2.89
CA GLU B 207 19.42 -20.98 -4.21
C GLU B 207 18.03 -20.42 -4.53
N THR B 208 17.40 -19.70 -3.60
CA THR B 208 16.04 -19.22 -3.80
C THR B 208 16.08 -17.88 -4.50
N ASN B 209 14.90 -17.38 -4.85
CA ASN B 209 14.75 -16.06 -5.46
C ASN B 209 14.58 -14.96 -4.42
N GLY B 210 14.50 -15.31 -3.14
CA GLY B 210 14.30 -14.26 -2.16
C GLY B 210 13.93 -14.84 -0.81
N ILE B 211 14.31 -14.16 0.26
CA ILE B 211 14.07 -14.61 1.63
C ILE B 211 13.29 -13.52 2.36
N LEU B 212 12.09 -13.85 2.78
CA LEU B 212 11.27 -12.94 3.57
C LEU B 212 11.54 -13.27 5.03
N VAL B 213 11.85 -12.26 5.83
CA VAL B 213 12.21 -12.50 7.24
C VAL B 213 11.22 -11.78 8.14
N ASN B 214 10.81 -12.44 9.23
CA ASN B 214 9.84 -11.84 10.14
C ASN B 214 10.58 -10.93 11.11
N THR B 215 10.95 -9.76 10.59
CA THR B 215 11.63 -8.75 11.39
C THR B 215 11.40 -7.41 10.71
N PHE B 216 11.79 -6.33 11.36
CA PHE B 216 11.77 -5.03 10.70
C PHE B 216 13.18 -4.46 10.70
N SER B 217 13.52 -3.71 9.65
CA SER B 217 14.92 -3.35 9.47
C SER B 217 15.44 -2.44 10.59
N GLU B 218 14.56 -1.64 11.21
CA GLU B 218 15.01 -0.77 12.29
C GLU B 218 15.42 -1.56 13.52
N LEU B 219 14.91 -2.79 13.68
CA LEU B 219 15.34 -3.63 14.80
C LEU B 219 16.73 -4.21 14.56
N GLU B 220 17.02 -4.62 13.34
CA GLU B 220 18.24 -5.33 13.01
C GLU B 220 18.95 -4.62 11.86
N SER B 221 19.24 -3.33 12.03
CA SER B 221 19.59 -2.54 10.85
C SER B 221 20.97 -2.91 10.33
N GLN B 222 21.92 -3.18 11.22
CA GLN B 222 23.26 -3.55 10.76
C GLN B 222 23.25 -4.88 10.03
N VAL B 223 22.46 -5.85 10.51
CA VAL B 223 22.33 -7.13 9.80
C VAL B 223 21.69 -6.92 8.44
N MET B 224 20.62 -6.12 8.38
CA MET B 224 19.97 -5.92 7.08
C MET B 224 20.88 -5.18 6.10
N ASP B 225 21.71 -4.25 6.59
CA ASP B 225 22.69 -3.62 5.71
C ASP B 225 23.69 -4.64 5.19
N SER B 226 24.07 -5.59 6.05
CA SER B 226 24.96 -6.65 5.65
C SER B 226 24.37 -7.51 4.53
N PHE B 227 23.08 -7.87 4.65
CA PHE B 227 22.44 -8.61 3.56
C PHE B 227 22.32 -7.74 2.31
N SER B 228 21.97 -6.47 2.45
CA SER B 228 21.83 -5.63 1.27
C SER B 228 23.13 -5.55 0.50
N ASP B 229 24.26 -5.34 1.21
CA ASP B 229 25.56 -5.39 0.57
C ASP B 229 25.79 -6.73 -0.12
N ALA B 230 25.48 -7.83 0.56
CA ALA B 230 25.77 -9.14 0.00
C ALA B 230 24.93 -9.42 -1.23
N THR B 231 23.65 -9.04 -1.21
CA THR B 231 22.81 -9.21 -2.40
C THR B 231 23.30 -8.33 -3.55
N ALA B 232 23.67 -7.08 -3.25
CA ALA B 232 24.15 -6.18 -4.29
C ALA B 232 25.39 -6.76 -4.98
N ALA B 233 26.29 -7.37 -4.20
CA ALA B 233 27.42 -8.05 -4.79
C ALA B 233 27.06 -9.43 -5.36
N SER B 234 25.77 -9.66 -5.62
CA SER B 234 25.26 -10.93 -6.15
C SER B 234 25.78 -12.12 -5.35
N GLN B 235 25.84 -11.97 -4.04
CA GLN B 235 26.35 -13.01 -3.15
C GLN B 235 25.28 -13.67 -2.29
N PHE B 236 24.03 -13.28 -2.42
CA PHE B 236 22.96 -13.77 -1.56
C PHE B 236 21.65 -13.34 -2.18
N PRO B 237 20.59 -14.13 -2.05
CA PRO B 237 19.28 -13.70 -2.54
C PRO B 237 18.86 -12.39 -1.89
N ALA B 238 17.85 -11.74 -2.48
CA ALA B 238 17.26 -10.58 -1.83
C ALA B 238 16.61 -10.97 -0.51
N VAL B 239 16.83 -10.15 0.52
CA VAL B 239 16.27 -10.41 1.85
C VAL B 239 15.29 -9.29 2.17
N TYR B 240 14.03 -9.66 2.38
CA TYR B 240 12.94 -8.72 2.63
C TYR B 240 12.56 -8.77 4.09
N ALA B 241 12.80 -7.68 4.84
CA ALA B 241 12.32 -7.56 6.22
C ALA B 241 10.89 -7.07 6.17
N VAL B 242 9.93 -7.95 6.46
CA VAL B 242 8.52 -7.67 6.24
C VAL B 242 7.70 -7.71 7.52
N GLY B 243 8.31 -7.89 8.68
CA GLY B 243 7.55 -7.98 9.90
C GLY B 243 7.55 -6.68 10.70
N PRO B 244 7.00 -6.73 11.94
CA PRO B 244 6.52 -7.93 12.65
C PRO B 244 5.24 -8.49 12.08
N ILE B 245 5.26 -9.81 11.82
CA ILE B 245 4.05 -10.58 11.43
C ILE B 245 3.61 -11.26 12.73
N LEU B 246 2.48 -10.84 13.30
CA LEU B 246 2.05 -11.41 14.61
C LEU B 246 0.66 -12.04 14.50
N SER B 247 0.34 -12.91 15.47
CA SER B 247 -0.99 -13.55 15.59
C SER B 247 -1.70 -12.88 16.77
N LEU B 248 -2.31 -11.72 16.51
CA LEU B 248 -2.99 -10.93 17.57
C LEU B 248 -4.45 -11.36 17.68
N ASN B 249 -5.02 -11.86 16.57
CA ASN B 249 -6.43 -12.34 16.47
C ASN B 249 -7.37 -11.38 17.19
N ALA B 254 -13.22 -21.23 19.54
CA ALA B 254 -14.46 -21.43 20.29
C ALA B 254 -14.18 -21.56 21.78
N ALA B 255 -15.25 -21.59 22.58
CA ALA B 255 -15.13 -21.69 24.02
C ALA B 255 -14.35 -22.96 24.40
N SER B 256 -13.57 -22.84 25.47
CA SER B 256 -12.61 -23.86 25.85
C SER B 256 -12.36 -23.74 27.34
N SER B 257 -11.66 -24.71 27.91
CA SER B 257 -11.34 -24.58 29.33
C SER B 257 -10.06 -23.76 29.54
N GLU B 258 -9.12 -23.81 28.59
CA GLU B 258 -7.97 -22.92 28.72
C GLU B 258 -8.37 -21.50 28.33
N SER B 259 -9.30 -21.37 27.36
CA SER B 259 -9.96 -20.09 27.12
C SER B 259 -10.56 -19.52 28.39
N GLN B 260 -11.17 -20.38 29.22
CA GLN B 260 -11.86 -19.90 30.40
C GLN B 260 -10.87 -19.44 31.47
N SER B 261 -9.83 -20.24 31.72
CA SER B 261 -8.81 -19.82 32.69
C SER B 261 -8.10 -18.57 32.21
N GLY B 262 -7.85 -18.45 30.91
CA GLY B 262 -7.24 -17.26 30.39
C GLY B 262 -8.09 -16.02 30.61
N ASP B 263 -9.41 -16.17 30.41
CA ASP B 263 -10.32 -15.06 30.66
C ASP B 263 -10.28 -14.63 32.11
N GLU B 264 -10.20 -15.59 33.03
CA GLU B 264 -10.04 -15.26 34.45
C GLU B 264 -8.78 -14.43 34.68
N ILE B 265 -7.68 -14.78 34.01
CA ILE B 265 -6.44 -14.04 34.19
C ILE B 265 -6.60 -12.61 33.73
N LEU B 266 -7.24 -12.41 32.58
CA LEU B 266 -7.36 -11.06 32.04
C LEU B 266 -8.25 -10.19 32.93
N LYS B 267 -9.30 -10.79 33.51
CA LYS B 267 -10.12 -10.05 34.47
C LYS B 267 -9.31 -9.65 35.71
N TRP B 268 -8.45 -10.55 36.18
CA TRP B 268 -7.62 -10.20 37.32
C TRP B 268 -6.64 -9.08 36.97
N LEU B 269 -6.04 -9.15 35.79
CA LEU B 269 -5.15 -8.09 35.33
C LEU B 269 -5.87 -6.75 35.30
N ASP B 270 -7.14 -6.73 34.86
CA ASP B 270 -7.92 -5.50 34.80
C ASP B 270 -7.94 -4.75 36.13
N GLN B 271 -7.72 -5.45 37.24
CA GLN B 271 -7.78 -4.86 38.56
C GLN B 271 -6.43 -4.42 39.11
N GLN B 272 -5.34 -4.56 38.34
CA GLN B 272 -4.02 -4.23 38.85
C GLN B 272 -3.53 -2.90 38.31
N PRO B 273 -2.62 -2.24 39.01
CA PRO B 273 -2.08 -0.95 38.53
C PRO B 273 -1.29 -1.12 37.24
N PRO B 274 -1.08 -0.05 36.48
CA PRO B 274 -0.31 -0.15 35.23
C PRO B 274 1.12 -0.64 35.47
N SER B 275 1.58 -1.51 34.56
CA SER B 275 2.95 -2.02 34.53
C SER B 275 3.36 -2.64 35.87
N SER B 276 2.40 -3.25 36.55
CA SER B 276 2.63 -3.78 37.89
C SER B 276 2.90 -5.28 37.90
N VAL B 277 2.69 -5.99 36.79
CA VAL B 277 2.69 -7.47 36.83
C VAL B 277 3.85 -8.01 36.00
N VAL B 278 4.54 -9.01 36.55
CA VAL B 278 5.57 -9.76 35.82
C VAL B 278 4.92 -11.02 35.26
N PHE B 279 5.02 -11.21 33.94
CA PHE B 279 4.55 -12.41 33.27
C PHE B 279 5.72 -13.33 32.98
N LEU B 280 5.54 -14.63 33.24
CA LEU B 280 6.57 -15.64 33.04
C LEU B 280 5.99 -16.75 32.17
N CYS B 281 6.63 -17.00 31.03
CA CYS B 281 6.05 -17.93 30.07
C CYS B 281 7.16 -18.43 29.15
N PHE B 282 7.09 -19.71 28.76
CA PHE B 282 8.28 -20.35 28.21
C PHE B 282 8.00 -21.10 26.92
N GLY B 283 7.16 -20.52 26.07
CA GLY B 283 7.02 -21.04 24.72
C GLY B 283 6.12 -22.26 24.63
N SER B 284 6.07 -22.82 23.43
CA SER B 284 5.18 -23.96 23.22
C SER B 284 5.77 -25.27 23.73
N LYS B 285 7.09 -25.38 23.85
CA LYS B 285 7.70 -26.61 24.34
C LYS B 285 8.47 -26.43 25.65
N GLY B 286 8.50 -25.23 26.23
CA GLY B 286 9.24 -25.06 27.46
C GLY B 286 8.50 -25.65 28.65
N SER B 287 9.28 -26.08 29.63
CA SER B 287 8.68 -26.61 30.85
C SER B 287 9.66 -26.40 31.98
N LEU B 288 9.22 -26.72 33.20
CA LEU B 288 10.00 -26.52 34.40
C LEU B 288 9.92 -27.79 35.23
N ASN B 289 11.07 -28.27 35.70
CA ASN B 289 11.13 -29.37 36.66
C ASN B 289 10.79 -28.86 38.05
N PRO B 290 10.45 -29.75 38.99
CA PRO B 290 10.06 -29.29 40.33
C PRO B 290 11.09 -28.42 41.01
N ASP B 291 12.39 -28.74 40.95
CA ASP B 291 13.34 -27.91 41.71
C ASP B 291 13.44 -26.51 41.10
N GLN B 292 13.43 -26.43 39.77
CA GLN B 292 13.46 -25.12 39.12
C GLN B 292 12.19 -24.32 39.44
N ALA B 293 11.04 -25.00 39.47
CA ALA B 293 9.80 -24.30 39.81
C ALA B 293 9.82 -23.78 41.24
N ARG B 294 10.38 -24.57 42.16
CA ARG B 294 10.51 -24.06 43.52
C ARG B 294 11.45 -22.87 43.62
N GLU B 295 12.50 -22.81 42.79
CA GLU B 295 13.35 -21.62 42.83
C GLU B 295 12.61 -20.40 42.32
N ILE B 296 11.81 -20.56 41.26
CA ILE B 296 11.00 -19.44 40.78
C ILE B 296 10.02 -18.98 41.85
N ALA B 297 9.34 -19.93 42.51
CA ALA B 297 8.39 -19.56 43.54
C ALA B 297 9.06 -18.78 44.67
N HIS B 298 10.25 -19.20 45.10
CA HIS B 298 10.97 -18.45 46.13
C HIS B 298 11.28 -17.03 45.65
N ALA B 299 11.76 -16.91 44.41
CA ALA B 299 12.08 -15.60 43.84
C ALA B 299 10.86 -14.69 43.81
N LEU B 300 9.73 -15.24 43.34
CA LEU B 300 8.52 -14.41 43.25
C LEU B 300 8.05 -13.95 44.62
N GLU B 301 8.08 -14.84 45.61
CA GLU B 301 7.60 -14.44 46.92
C GLU B 301 8.55 -13.43 47.54
N ARG B 302 9.86 -13.58 47.32
CA ARG B 302 10.81 -12.66 47.94
C ARG B 302 10.82 -11.32 47.22
N SER B 303 10.68 -11.33 45.91
CA SER B 303 10.65 -10.08 45.15
C SER B 303 9.43 -9.23 45.48
N GLY B 304 8.33 -9.85 45.90
CA GLY B 304 7.12 -9.12 46.23
C GLY B 304 6.36 -8.50 45.07
N HIS B 305 6.68 -8.85 43.83
CA HIS B 305 5.93 -8.29 42.70
C HIS B 305 4.67 -9.12 42.43
N ARG B 306 3.72 -8.50 41.75
CA ARG B 306 2.58 -9.21 41.21
C ARG B 306 3.02 -10.03 40.01
N PHE B 307 2.35 -11.18 39.79
CA PHE B 307 2.85 -12.07 38.75
C PHE B 307 1.74 -12.92 38.12
N VAL B 308 1.93 -13.25 36.85
CA VAL B 308 1.22 -14.33 36.15
C VAL B 308 2.28 -15.32 35.70
N TRP B 309 2.22 -16.56 36.19
CA TRP B 309 3.28 -17.53 35.95
C TRP B 309 2.70 -18.74 35.24
N SER B 310 3.15 -18.95 34.00
CA SER B 310 2.75 -20.13 33.19
C SER B 310 3.68 -21.27 33.63
N LEU B 311 3.14 -22.25 34.35
CA LEU B 311 3.96 -23.36 34.87
C LEU B 311 3.49 -24.68 34.27
N ARG B 312 4.36 -25.34 33.50
CA ARG B 312 4.02 -26.65 32.88
C ARG B 312 5.19 -27.62 33.07
N GLN B 313 4.89 -28.91 33.18
CA GLN B 313 5.93 -29.95 33.36
C GLN B 313 6.17 -30.64 32.02
N PRO B 314 7.37 -31.19 31.76
CA PRO B 314 7.64 -31.90 30.51
C PRO B 314 6.73 -33.14 30.43
N SER B 315 6.19 -33.40 29.24
CA SER B 315 5.30 -34.59 29.07
C SER B 315 6.11 -35.85 29.35
N PRO B 316 5.58 -36.83 30.11
CA PRO B 316 6.30 -38.06 30.38
C PRO B 316 6.55 -38.79 29.06
N LYS B 317 5.81 -38.38 28.01
CA LYS B 317 5.88 -38.99 26.69
C LYS B 317 6.93 -38.33 25.80
N GLY B 318 8.08 -37.95 26.34
CA GLY B 318 9.14 -37.37 25.55
C GLY B 318 8.89 -35.91 25.20
N LYS B 319 10.00 -35.17 25.03
CA LYS B 319 9.90 -33.75 24.70
C LYS B 319 9.23 -33.52 23.34
N PHE B 320 8.99 -34.58 22.57
CA PHE B 320 8.23 -34.52 21.34
C PHE B 320 6.72 -34.52 21.58
N GLU B 321 6.27 -34.15 22.78
CA GLU B 321 4.85 -33.90 23.00
C GLU B 321 4.70 -32.71 23.95
N LYS B 322 3.46 -32.18 23.99
CA LYS B 322 3.17 -30.91 24.62
C LYS B 322 3.42 -30.99 26.13
N PRO B 323 4.02 -29.97 26.73
CA PRO B 323 4.02 -29.88 28.20
C PRO B 323 2.62 -29.85 28.77
N ILE B 324 2.49 -30.27 30.03
CA ILE B 324 1.19 -30.36 30.69
C ILE B 324 1.30 -29.66 32.05
N GLU B 325 0.15 -29.28 32.59
CA GLU B 325 0.17 -28.68 33.92
C GLU B 325 0.59 -29.70 34.97
N TYR B 326 1.08 -29.19 36.10
CA TYR B 326 1.29 -30.05 37.27
C TYR B 326 -0.03 -30.34 37.96
N ASP B 327 -0.19 -31.57 38.41
CA ASP B 327 -1.25 -31.87 39.35
C ASP B 327 -0.79 -31.46 40.74
N ASN B 328 -1.76 -31.10 41.59
CA ASN B 328 -1.52 -30.89 43.02
C ASN B 328 -0.32 -29.99 43.22
N ILE B 329 -0.34 -28.83 42.56
CA ILE B 329 0.83 -27.96 42.55
C ILE B 329 1.21 -27.54 43.95
N GLU B 330 0.26 -27.53 44.89
CA GLU B 330 0.58 -27.16 46.25
C GLU B 330 1.54 -28.15 46.92
N ASP B 331 1.64 -29.37 46.41
CA ASP B 331 2.60 -30.34 46.92
C ASP B 331 3.93 -30.27 46.19
N VAL B 332 4.01 -29.53 45.10
CA VAL B 332 5.24 -29.38 44.33
C VAL B 332 5.98 -28.13 44.76
N LEU B 333 5.27 -27.01 44.83
CA LEU B 333 5.86 -25.70 45.14
C LEU B 333 6.19 -25.63 46.65
N PRO B 334 6.91 -24.60 47.09
CA PRO B 334 7.18 -24.47 48.54
C PRO B 334 5.91 -24.45 49.36
N GLU B 335 5.99 -25.05 50.55
CA GLU B 335 4.81 -25.16 51.39
C GLU B 335 4.18 -23.78 51.64
N GLY B 336 2.87 -23.68 51.41
CA GLY B 336 2.11 -22.45 51.65
C GLY B 336 2.26 -21.38 50.59
N PHE B 337 3.02 -21.63 49.51
CA PHE B 337 3.25 -20.59 48.51
C PHE B 337 1.94 -20.06 47.93
N LEU B 338 1.00 -20.95 47.57
CA LEU B 338 -0.22 -20.46 46.92
C LEU B 338 -1.11 -19.72 47.89
N ASP B 339 -1.06 -20.08 49.17
CA ASP B 339 -1.80 -19.34 50.18
C ASP B 339 -1.23 -17.94 50.37
N ARG B 340 0.09 -17.82 50.48
CA ARG B 340 0.71 -16.54 50.77
C ARG B 340 0.63 -15.59 49.59
N THR B 341 0.67 -16.12 48.36
CA THR B 341 0.62 -15.28 47.16
C THR B 341 -0.77 -15.20 46.53
N ALA B 342 -1.81 -15.62 47.27
CA ALA B 342 -3.14 -15.75 46.68
C ALA B 342 -3.63 -14.45 46.06
N GLU B 343 -3.30 -13.30 46.66
CA GLU B 343 -3.71 -12.02 46.11
C GLU B 343 -2.63 -11.35 45.27
N MET B 344 -1.39 -11.84 45.30
CA MET B 344 -0.29 -11.25 44.56
C MET B 344 -0.16 -11.77 43.13
N GLY B 345 -0.57 -13.01 42.86
CA GLY B 345 -0.35 -13.48 41.52
C GLY B 345 -1.12 -14.76 41.25
N ARG B 346 -0.94 -15.25 40.03
CA ARG B 346 -1.69 -16.38 39.52
C ARG B 346 -0.74 -17.35 38.84
N VAL B 347 -0.97 -18.63 39.06
CA VAL B 347 -0.24 -19.68 38.36
C VAL B 347 -1.21 -20.32 37.39
N ILE B 348 -0.79 -20.49 36.15
CA ILE B 348 -1.64 -21.04 35.10
C ILE B 348 -0.81 -21.99 34.26
N GLY B 349 -1.51 -22.69 33.36
CA GLY B 349 -0.87 -23.51 32.35
C GLY B 349 -0.65 -22.74 31.06
N TRP B 350 -1.16 -23.25 29.94
CA TRP B 350 -1.11 -22.48 28.70
C TRP B 350 -1.75 -21.11 28.88
N ALA B 351 -1.05 -20.07 28.44
CA ALA B 351 -1.50 -18.72 28.75
C ALA B 351 -2.00 -18.00 27.51
N PRO B 352 -2.93 -17.02 27.67
CA PRO B 352 -3.30 -16.12 26.56
C PRO B 352 -2.24 -15.05 26.40
N GLN B 353 -1.10 -15.44 25.83
CA GLN B 353 0.12 -14.65 25.94
C GLN B 353 -0.03 -13.26 25.30
N VAL B 354 -0.50 -13.19 24.03
CA VAL B 354 -0.54 -11.85 23.42
C VAL B 354 -1.51 -10.94 24.14
N GLU B 355 -2.60 -11.49 24.66
CA GLU B 355 -3.55 -10.72 25.43
C GLU B 355 -2.93 -10.21 26.73
N ILE B 356 -2.12 -11.02 27.37
CA ILE B 356 -1.43 -10.58 28.59
C ILE B 356 -0.38 -9.53 28.27
N LEU B 357 0.44 -9.78 27.24
CA LEU B 357 1.47 -8.80 26.85
C LEU B 357 0.84 -7.48 26.44
N GLY B 358 -0.35 -7.52 25.85
CA GLY B 358 -1.02 -6.29 25.46
C GLY B 358 -1.80 -5.62 26.55
N HIS B 359 -1.88 -6.22 27.72
CA HIS B 359 -2.65 -5.64 28.81
C HIS B 359 -1.83 -4.56 29.52
N PRO B 360 -2.44 -3.42 29.86
CA PRO B 360 -1.67 -2.34 30.52
C PRO B 360 -1.10 -2.71 31.87
N ALA B 361 -1.63 -3.71 32.56
CA ALA B 361 -1.06 -4.08 33.86
C ALA B 361 0.28 -4.79 33.73
N THR B 362 0.62 -5.32 32.55
CA THR B 362 1.82 -6.14 32.40
C THR B 362 3.03 -5.23 32.26
N GLY B 363 4.01 -5.39 33.16
CA GLY B 363 5.17 -4.52 33.14
C GLY B 363 6.46 -5.16 32.69
N GLY B 364 6.54 -6.49 32.71
CA GLY B 364 7.77 -7.16 32.35
C GLY B 364 7.47 -8.60 32.02
N PHE B 365 8.39 -9.24 31.28
CA PHE B 365 8.15 -10.55 30.67
C PHE B 365 9.41 -11.39 30.85
N VAL B 366 9.35 -12.40 31.72
CA VAL B 366 10.42 -13.39 31.80
C VAL B 366 10.12 -14.41 30.71
N SER B 367 10.99 -14.48 29.70
CA SER B 367 10.63 -15.15 28.45
C SER B 367 11.75 -16.09 28.04
N HIS B 368 11.39 -17.18 27.36
CA HIS B 368 12.38 -18.07 26.81
C HIS B 368 13.03 -17.52 25.53
N CYS B 369 12.60 -16.33 25.06
CA CYS B 369 13.21 -15.64 23.93
CA CYS B 369 13.22 -15.65 23.92
C CYS B 369 13.03 -16.39 22.61
N GLY B 370 11.96 -17.16 22.50
CA GLY B 370 11.51 -17.56 21.17
C GLY B 370 11.24 -16.30 20.35
N TRP B 371 11.41 -16.41 19.03
CA TRP B 371 11.38 -15.18 18.23
C TRP B 371 9.97 -14.57 18.20
N ASN B 372 8.92 -15.38 18.12
CA ASN B 372 7.58 -14.80 18.13
C ASN B 372 7.29 -14.11 19.46
N SER B 373 7.66 -14.75 20.58
CA SER B 373 7.47 -14.10 21.88
C SER B 373 8.24 -12.78 21.94
N THR B 374 9.45 -12.77 21.37
CA THR B 374 10.26 -11.56 21.36
C THR B 374 9.55 -10.45 20.57
N LEU B 375 9.04 -10.81 19.39
CA LEU B 375 8.34 -9.81 18.58
C LEU B 375 7.07 -9.31 19.26
N GLU B 376 6.32 -10.23 19.90
CA GLU B 376 5.07 -9.85 20.55
C GLU B 376 5.34 -8.89 21.71
N SER B 377 6.36 -9.19 22.51
CA SER B 377 6.65 -8.33 23.65
C SER B 377 7.13 -6.94 23.17
N LEU B 378 7.94 -6.93 22.12
CA LEU B 378 8.38 -5.65 21.56
C LEU B 378 7.21 -4.84 21.03
N TRP B 379 6.30 -5.50 20.30
CA TRP B 379 5.11 -4.82 19.76
C TRP B 379 4.34 -4.09 20.84
N TYR B 380 4.21 -4.71 22.02
CA TYR B 380 3.47 -4.12 23.12
C TYR B 380 4.35 -3.34 24.07
N GLY B 381 5.65 -3.25 23.78
CA GLY B 381 6.54 -2.43 24.57
C GLY B 381 6.82 -2.98 25.93
N VAL B 382 6.78 -4.30 26.09
CA VAL B 382 7.03 -4.96 27.38
C VAL B 382 8.48 -5.42 27.39
N PRO B 383 9.33 -4.90 28.27
CA PRO B 383 10.71 -5.37 28.35
C PRO B 383 10.79 -6.83 28.79
N ILE B 384 11.81 -7.53 28.29
CA ILE B 384 12.02 -8.96 28.52
C ILE B 384 13.27 -9.16 29.37
N ALA B 385 13.20 -10.12 30.29
CA ALA B 385 14.36 -10.72 30.93
C ALA B 385 14.49 -12.13 30.39
N THR B 386 15.67 -12.49 29.90
CA THR B 386 15.81 -13.65 29.05
C THR B 386 16.10 -14.94 29.83
N TRP B 387 15.47 -16.03 29.41
CA TRP B 387 15.64 -17.37 29.99
C TRP B 387 15.61 -18.38 28.85
N PRO B 388 16.64 -18.39 28.00
CA PRO B 388 16.61 -19.25 26.81
C PRO B 388 16.63 -20.71 27.21
N MET B 389 16.02 -21.55 26.38
CA MET B 389 15.83 -22.96 26.72
C MET B 389 16.19 -23.95 25.62
N TYR B 390 15.77 -23.70 24.37
CA TYR B 390 15.95 -24.68 23.30
C TYR B 390 16.01 -23.90 21.98
N ALA B 391 16.08 -24.63 20.86
CA ALA B 391 16.12 -24.06 19.49
C ALA B 391 17.23 -22.99 19.45
N GLU B 392 16.99 -21.81 18.87
CA GLU B 392 17.99 -20.76 18.77
C GLU B 392 17.82 -19.69 19.86
N GLN B 393 17.15 -20.04 20.98
CA GLN B 393 16.84 -19.02 21.98
C GLN B 393 18.08 -18.44 22.63
N HIS B 394 19.12 -19.25 22.83
CA HIS B 394 20.34 -18.71 23.44
C HIS B 394 20.93 -17.62 22.55
N PHE B 395 20.89 -17.83 21.24
CA PHE B 395 21.33 -16.79 20.33
C PHE B 395 20.40 -15.57 20.36
N ASN B 396 19.09 -15.82 20.36
CA ASN B 396 18.16 -14.68 20.42
C ASN B 396 18.41 -13.84 21.66
N ALA B 397 18.63 -14.49 22.80
CA ALA B 397 18.93 -13.74 24.02
C ALA B 397 20.22 -12.94 23.88
N PHE B 398 21.24 -13.52 23.25
CA PHE B 398 22.46 -12.78 22.99
C PHE B 398 22.19 -11.56 22.11
N GLU B 399 21.44 -11.73 21.01
CA GLU B 399 21.21 -10.60 20.12
C GLU B 399 20.41 -9.51 20.80
N MET B 400 19.35 -9.89 21.53
CA MET B 400 18.48 -8.89 22.13
C MET B 400 19.17 -8.23 23.33
N GLY B 401 20.01 -8.95 24.05
CA GLY B 401 20.67 -8.41 25.22
C GLY B 401 22.00 -7.76 24.93
N VAL B 402 22.99 -8.55 24.49
CA VAL B 402 24.34 -8.01 24.28
C VAL B 402 24.37 -7.09 23.06
N GLU B 403 23.85 -7.54 21.94
CA GLU B 403 24.02 -6.79 20.69
C GLU B 403 23.12 -5.56 20.64
N LEU B 404 21.83 -5.72 20.94
CA LEU B 404 20.85 -4.64 20.75
C LEU B 404 20.49 -3.89 22.03
N GLY B 405 20.83 -4.42 23.21
CA GLY B 405 20.58 -3.67 24.43
C GLY B 405 19.13 -3.54 24.84
N LEU B 406 18.26 -4.42 24.33
CA LEU B 406 16.82 -4.30 24.61
C LEU B 406 16.35 -5.24 25.72
N ALA B 407 17.09 -6.30 25.98
CA ALA B 407 16.69 -7.29 26.96
C ALA B 407 17.72 -7.37 28.07
N VAL B 408 17.29 -7.86 29.23
CA VAL B 408 18.21 -8.11 30.33
C VAL B 408 18.31 -9.61 30.52
N GLY B 409 19.48 -10.07 30.94
CA GLY B 409 19.74 -11.47 31.09
C GLY B 409 19.51 -11.89 32.52
N ILE B 410 19.24 -13.18 32.70
CA ILE B 410 19.04 -13.75 34.02
C ILE B 410 20.26 -14.56 34.46
N SER B 411 20.66 -15.53 33.65
CA SER B 411 21.85 -16.33 33.93
C SER B 411 22.65 -16.56 32.64
N SER B 412 23.68 -17.38 32.76
CA SER B 412 24.80 -17.43 31.83
C SER B 412 25.02 -18.83 31.30
N GLU B 413 23.96 -19.63 31.17
CA GLU B 413 24.20 -20.98 30.68
C GLU B 413 24.34 -20.99 29.16
N SER B 414 24.98 -22.04 28.68
CA SER B 414 25.28 -22.25 27.28
C SER B 414 24.14 -23.01 26.60
N SER B 415 24.28 -23.18 25.28
CA SER B 415 23.32 -23.95 24.51
C SER B 415 23.39 -25.44 24.79
N ILE B 416 24.51 -25.93 25.32
CA ILE B 416 24.70 -27.36 25.54
C ILE B 416 24.68 -27.74 27.03
N GLU B 417 24.39 -26.80 27.92
CA GLU B 417 24.30 -27.09 29.35
C GLU B 417 22.88 -27.51 29.72
N GLU B 418 22.70 -28.80 29.98
CA GLU B 418 21.47 -29.40 30.44
C GLU B 418 21.42 -29.39 31.97
N GLY B 419 20.25 -29.05 32.52
CA GLY B 419 19.94 -29.29 33.91
C GLY B 419 20.50 -28.31 34.91
N VAL B 420 21.19 -27.25 34.48
CA VAL B 420 21.75 -26.31 35.45
C VAL B 420 20.65 -25.40 35.96
N ILE B 421 20.40 -25.46 37.27
CA ILE B 421 19.31 -24.71 37.89
C ILE B 421 19.63 -23.22 37.91
N VAL B 422 18.63 -22.40 37.63
CA VAL B 422 18.74 -20.95 37.78
C VAL B 422 18.28 -20.59 39.19
N SER B 423 19.16 -19.98 39.98
CA SER B 423 18.87 -19.73 41.39
C SER B 423 17.81 -18.66 41.57
N ALA B 424 17.07 -18.77 42.68
CA ALA B 424 16.12 -17.71 43.04
C ALA B 424 16.79 -16.34 43.08
N GLU B 425 18.05 -16.30 43.52
CA GLU B 425 18.74 -15.01 43.59
C GLU B 425 18.95 -14.41 42.20
N LYS B 426 19.33 -15.22 41.22
CA LYS B 426 19.49 -14.69 39.86
C LYS B 426 18.17 -14.24 39.27
N ILE B 427 17.09 -14.98 39.55
CA ILE B 427 15.76 -14.60 39.07
C ILE B 427 15.30 -13.30 39.71
N GLU B 428 15.48 -13.18 41.03
CA GLU B 428 15.14 -11.94 41.72
C GLU B 428 15.85 -10.74 41.10
N GLU B 429 17.13 -10.89 40.81
CA GLU B 429 17.90 -9.77 40.27
C GLU B 429 17.42 -9.40 38.86
N GLY B 430 17.12 -10.40 38.03
CA GLY B 430 16.57 -10.12 36.72
C GLY B 430 15.24 -9.39 36.80
N ILE B 431 14.38 -9.82 37.73
CA ILE B 431 13.08 -9.18 37.88
C ILE B 431 13.24 -7.77 38.45
N ARG B 432 14.20 -7.55 39.35
CA ARG B 432 14.44 -6.20 39.85
C ARG B 432 14.79 -5.24 38.72
N LYS B 433 15.72 -5.65 37.85
CA LYS B 433 16.10 -4.82 36.70
C LYS B 433 14.92 -4.57 35.78
N LEU B 434 14.04 -5.56 35.63
CA LEU B 434 12.89 -5.42 34.76
C LEU B 434 11.90 -4.38 35.31
N MET B 435 11.68 -4.38 36.62
CA MET B 435 10.54 -3.70 37.22
C MET B 435 10.92 -2.46 38.01
N GLY B 436 12.20 -2.08 38.02
CA GLY B 436 12.71 -1.11 38.99
C GLY B 436 12.83 0.28 38.42
N GLY B 437 13.61 1.11 39.11
CA GLY B 437 13.94 2.46 38.66
C GLY B 437 13.08 3.57 39.24
N GLY B 438 13.07 3.70 40.57
CA GLY B 438 12.29 4.74 41.22
C GLY B 438 12.46 4.74 42.73
N GLY B 443 17.21 4.27 36.65
CA GLY B 443 16.65 2.94 36.52
C GLY B 443 16.01 2.63 35.17
N GLY B 444 14.98 3.40 34.80
CA GLY B 444 14.13 3.05 33.68
C GLY B 444 14.72 3.17 32.28
N GLU B 445 16.02 2.93 32.13
CA GLU B 445 16.69 3.21 30.86
C GLU B 445 16.40 2.16 29.80
N VAL B 446 16.41 0.87 30.17
CA VAL B 446 16.09 -0.14 29.18
C VAL B 446 14.63 -0.05 28.76
N ARG B 447 13.73 0.23 29.72
CA ARG B 447 12.34 0.43 29.36
C ARG B 447 12.19 1.53 28.31
N LYS B 448 12.97 2.61 28.43
CA LYS B 448 12.90 3.69 27.44
C LYS B 448 13.29 3.20 26.05
N LEU B 449 14.38 2.42 25.96
CA LEU B 449 14.77 1.91 24.64
C LEU B 449 13.71 1.00 24.07
N VAL B 450 13.10 0.18 24.93
CA VAL B 450 12.07 -0.76 24.47
C VAL B 450 10.83 0.00 23.99
N LYS B 451 10.45 1.07 24.69
CA LYS B 451 9.30 1.83 24.18
C LYS B 451 9.60 2.45 22.83
N ALA B 452 10.80 3.00 22.67
CA ALA B 452 11.11 3.65 21.40
C ALA B 452 11.17 2.63 20.28
N LYS B 453 11.75 1.45 20.58
CA LYS B 453 11.81 0.38 19.59
C LYS B 453 10.42 -0.15 19.29
N SER B 454 9.53 -0.19 20.28
CA SER B 454 8.15 -0.60 20.05
C SER B 454 7.45 0.34 19.08
N GLU B 455 7.65 1.65 19.26
CA GLU B 455 7.05 2.59 18.31
C GLU B 455 7.60 2.37 16.91
N GLU B 456 8.91 2.12 16.79
CA GLU B 456 9.46 1.80 15.47
C GLU B 456 8.82 0.55 14.88
N SER B 457 8.49 -0.46 15.70
CA SER B 457 7.89 -1.66 15.15
C SER B 457 6.49 -1.39 14.62
N ARG B 458 5.73 -0.51 15.29
CA ARG B 458 4.40 -0.17 14.79
C ARG B 458 4.49 0.57 13.47
N LYS B 459 5.40 1.53 13.37
CA LYS B 459 5.53 2.33 12.17
C LYS B 459 6.02 1.52 10.99
N SER B 460 6.84 0.48 11.23
CA SER B 460 7.48 -0.23 10.14
C SER B 460 6.46 -0.90 9.24
N VAL B 461 5.34 -1.35 9.80
CA VAL B 461 4.34 -2.08 9.02
C VAL B 461 3.15 -1.21 8.60
N MET B 462 3.06 0.01 9.10
CA MET B 462 2.01 0.91 8.62
C MET B 462 2.41 1.50 7.27
N GLU B 463 1.44 2.12 6.62
CA GLU B 463 1.65 2.79 5.34
C GLU B 463 2.93 3.60 5.34
N GLY B 464 3.79 3.35 4.36
CA GLY B 464 5.02 4.09 4.20
C GLY B 464 6.22 3.59 4.99
N GLY B 465 6.03 2.63 5.90
CA GLY B 465 7.14 2.18 6.72
C GLY B 465 8.04 1.17 6.01
N SER B 466 9.16 0.86 6.66
CA SER B 466 10.19 0.01 6.07
C SER B 466 9.64 -1.35 5.64
N SER B 467 8.89 -2.02 6.52
CA SER B 467 8.37 -3.35 6.19
C SER B 467 7.20 -3.27 5.21
N PHE B 468 6.41 -2.20 5.27
CA PHE B 468 5.35 -1.98 4.28
C PHE B 468 5.92 -1.93 2.86
N THR B 469 6.96 -1.12 2.65
CA THR B 469 7.49 -0.98 1.29
C THR B 469 8.32 -2.21 0.92
N SER B 470 8.94 -2.88 1.88
CA SER B 470 9.65 -4.11 1.56
C SER B 470 8.68 -5.18 1.07
N LEU B 471 7.49 -5.28 1.68
CA LEU B 471 6.52 -6.25 1.19
C LEU B 471 6.03 -5.87 -0.21
N ASN B 472 5.92 -4.57 -0.49
CA ASN B 472 5.52 -4.16 -1.83
C ASN B 472 6.55 -4.57 -2.87
N ARG B 473 7.82 -4.46 -2.53
CA ARG B 473 8.86 -4.89 -3.46
C ARG B 473 8.78 -6.38 -3.73
N PHE B 474 8.51 -7.19 -2.70
CA PHE B 474 8.27 -8.60 -2.92
C PHE B 474 7.04 -8.83 -3.80
N ILE B 475 5.94 -8.14 -3.51
CA ILE B 475 4.74 -8.32 -4.31
C ILE B 475 5.00 -7.95 -5.76
N ASP B 476 5.76 -6.88 -5.98
CA ASP B 476 6.09 -6.49 -7.35
C ASP B 476 6.85 -7.60 -8.07
N GLU B 477 7.90 -8.15 -7.43
CA GLU B 477 8.66 -9.25 -8.03
C GLU B 477 7.76 -10.42 -8.36
N VAL B 478 6.87 -10.78 -7.44
CA VAL B 478 5.95 -11.90 -7.65
C VAL B 478 5.01 -11.62 -8.83
N MET B 479 4.54 -10.40 -8.94
CA MET B 479 3.56 -10.08 -9.99
C MET B 479 4.21 -9.79 -11.34
N LYS B 480 5.54 -9.74 -11.37
CA LYS B 480 6.28 -9.45 -12.63
C LYS B 480 6.48 -10.77 -13.40
N1 UDP C . -15.88 22.85 -11.18
C2 UDP C . -16.46 23.42 -10.07
N3 UDP C . -17.46 24.32 -10.32
C4 UDP C . -17.92 24.71 -11.56
C5 UDP C . -17.28 24.09 -12.67
C6 UDP C . -16.29 23.19 -12.45
O2 UDP C . -16.12 23.14 -8.92
O4 UDP C . -18.83 25.56 -11.65
C1' UDP C . -14.80 21.88 -10.98
C2' UDP C . -15.21 20.42 -11.18
O2' UDP C . -15.68 19.87 -9.94
C3' UDP C . -13.88 19.79 -11.59
C4' UDP C . -13.26 20.89 -12.45
O4' UDP C . -13.78 22.13 -11.93
O3' UDP C . -13.06 19.51 -10.45
C5' UDP C . -13.57 20.80 -13.93
O5' UDP C . -12.57 19.96 -14.53
PA UDP C . -12.89 19.08 -15.79
O1A UDP C . -14.23 18.37 -15.66
O2A UDP C . -11.71 18.23 -16.06
O3A UDP C . -13.09 20.14 -17.00
PB UDP C . -12.24 21.42 -17.40
O1B UDP C . -12.43 22.53 -16.46
O2B UDP C . -12.66 21.67 -18.83
O3B UDP C . -10.79 20.90 -17.44
N1 UDP D . 2.14 -18.94 23.40
C2 UDP D . 0.91 -18.72 24.00
N3 UDP D . 0.77 -19.27 25.27
C4 UDP D . 1.73 -19.97 25.97
C5 UDP D . 2.98 -20.13 25.29
C6 UDP D . 3.14 -19.64 24.04
O2 UDP D . -0.01 -18.15 23.45
O4 UDP D . 1.47 -20.39 27.12
C1' UDP D . 2.35 -18.45 22.03
C2' UDP D . 3.15 -17.16 21.98
O2' UDP D . 2.27 -16.05 22.09
C3' UDP D . 3.83 -17.28 20.61
C4' UDP D . 4.08 -18.78 20.48
O4' UDP D . 3.11 -19.43 21.34
O3' UDP D . 3.01 -16.80 19.56
C5' UDP D . 5.47 -19.23 20.88
O5' UDP D . 6.34 -18.89 19.79
PA UDP D . 7.88 -18.62 20.02
O1A UDP D . 8.09 -17.51 21.03
O2A UDP D . 8.50 -18.42 18.69
O3A UDP D . 8.44 -19.97 20.73
PB UDP D . 8.33 -21.53 20.43
O1B UDP D . 6.98 -22.04 20.72
O2B UDP D . 9.42 -22.08 21.21
O3B UDP D . 8.62 -21.62 18.94
#